data_6RTU
#
_entry.id   6RTU
#
_cell.length_a   111.640
_cell.length_b   130.480
_cell.length_c   157.860
_cell.angle_alpha   90.00
_cell.angle_beta   90.00
_cell.angle_gamma   90.00
#
_symmetry.space_group_name_H-M   'C 2 2 21'
#
loop_
_entity.id
_entity.type
_entity.pdbx_description
1 polymer 'Semialdehyde dehydrogenase Pcd'
2 non-polymer '2-AMINOHEXANEDIOIC ACID'
3 non-polymer 'SULFATE ION'
4 non-polymer GLYCEROL
5 non-polymer 'ACETATE ION'
6 water water
#
_entity_poly.entity_id   1
_entity_poly.type   'polypeptide(L)'
_entity_poly.pdbx_seq_one_letter_code
;MVTAAISGTDEIRARAEQALTRCGVDLTAVKGDALTARTPLTGADLFGLRAQTPEDVDRAVEAAHTAFLTWRTTPAPVRG
ALVKRFGELLTEHKQDLADLVTIEAGKIRSEALGEVQEMIDICDFAVGLSRQLYGRTMPTERPGHRLMETWHPLGVVGVI
SAFNFPVAVWAWNAAVALVCGDTVVWKPSELTPLTALACAALLDLAIADAGAPKGLNQVVVGAADVGERLVDSPRVPLVS
ATGSTRMGRAVGPRVAARFGRTILELGGNNAAVVTPSADLDLTVNAAVFAAAGTAGQRCTTLRRLIVHEDIADTVVERLT
AAFERLPIGDPFQDTTLVGPLVNEAAFGRMREAVERATAEGGTLCAGGERQFPDAAPGAYYVRPALVRMPAQTAVVREET
FAPILYVLTYRDLDEAIRLNNEVPQGLSAGIFTADQSEAERFLAPDGADCGIANVNIGTSGAEIGGAFGGEKETGGGRES
GSDAWRAYMRRATNTVNYSGRVTLAQGVDFSQ
;
_entity_poly.pdbx_strand_id   A,B
#
loop_
_chem_comp.id
_chem_comp.type
_chem_comp.name
_chem_comp.formula
ACT non-polymer 'ACETATE ION' 'C2 H3 O2 -1'
GOL non-polymer GLYCEROL 'C3 H8 O3'
SO4 non-polymer 'SULFATE ION' 'O4 S -2'
#
# COMPACT_ATOMS: atom_id res chain seq x y z
N ALA A 4 -7.50 -45.86 18.55
CA ALA A 4 -8.36 -45.15 17.62
C ALA A 4 -8.13 -45.61 16.18
N ALA A 5 -9.13 -45.41 15.32
CA ALA A 5 -9.07 -45.85 13.93
C ALA A 5 -8.62 -44.67 13.07
N ILE A 6 -7.40 -44.76 12.54
CA ILE A 6 -6.85 -43.74 11.65
C ILE A 6 -6.58 -44.39 10.30
N SER A 7 -7.02 -43.71 9.23
CA SER A 7 -6.72 -44.19 7.87
C SER A 7 -5.23 -44.50 7.73
N GLY A 8 -4.94 -45.54 6.93
CA GLY A 8 -3.56 -45.89 6.66
C GLY A 8 -2.99 -45.05 5.52
N THR A 9 -1.67 -44.91 5.54
CA THR A 9 -1.00 -44.11 4.53
C THR A 9 -1.32 -44.60 3.13
N ASP A 10 -1.43 -45.92 2.95
CA ASP A 10 -1.76 -46.45 1.64
C ASP A 10 -3.17 -46.05 1.20
N GLU A 11 -4.12 -46.08 2.13
CA GLU A 11 -5.50 -45.71 1.79
C GLU A 11 -5.60 -44.22 1.48
N ILE A 12 -4.82 -43.41 2.20
CA ILE A 12 -4.76 -41.97 1.92
C ILE A 12 -4.16 -41.72 0.54
N ARG A 13 -3.07 -42.42 0.22
CA ARG A 13 -2.45 -42.24 -1.10
C ARG A 13 -3.43 -42.58 -2.21
N ALA A 14 -4.22 -43.64 -2.04
CA ALA A 14 -5.18 -44.02 -3.07
C ALA A 14 -6.24 -42.93 -3.24
N ARG A 15 -6.73 -42.36 -2.13
CA ARG A 15 -7.73 -41.31 -2.24
C ARG A 15 -7.15 -40.08 -2.91
N ALA A 16 -5.90 -39.75 -2.59
CA ALA A 16 -5.25 -38.59 -3.19
C ALA A 16 -5.09 -38.77 -4.71
N GLU A 17 -4.65 -39.96 -5.14
CA GLU A 17 -4.46 -40.19 -6.56
C GLU A 17 -5.80 -40.14 -7.32
N GLN A 18 -6.87 -40.64 -6.69
CA GLN A 18 -8.18 -40.56 -7.32
C GLN A 18 -8.65 -39.12 -7.49
N ALA A 19 -8.50 -38.31 -6.43
CA ALA A 19 -8.91 -36.91 -6.50
C ALA A 19 -8.11 -36.15 -7.56
N LEU A 20 -6.80 -36.34 -7.58
CA LEU A 20 -5.96 -35.66 -8.57
C LEU A 20 -6.37 -36.02 -10.00
N THR A 21 -6.53 -37.31 -10.28
CA THR A 21 -6.93 -37.75 -11.61
C THR A 21 -8.29 -37.18 -12.00
N ARG A 22 -9.25 -37.15 -11.06
CA ARG A 22 -10.56 -36.59 -11.35
C ARG A 22 -10.49 -35.10 -11.67
N CYS A 23 -9.54 -34.37 -11.07
CA CYS A 23 -9.36 -32.95 -11.35
C CYS A 23 -8.48 -32.69 -12.57
N GLY A 24 -8.09 -33.73 -13.30
CA GLY A 24 -7.35 -33.58 -14.54
C GLY A 24 -5.84 -33.56 -14.43
N VAL A 25 -5.28 -33.92 -13.26
CA VAL A 25 -3.83 -33.96 -13.10
C VAL A 25 -3.29 -35.21 -13.77
N ASP A 26 -2.22 -35.06 -14.53
CA ASP A 26 -1.53 -36.21 -15.14
C ASP A 26 -0.49 -36.70 -14.13
N LEU A 27 -0.81 -37.81 -13.46
CA LEU A 27 0.04 -38.30 -12.37
C LEU A 27 1.45 -38.60 -12.86
N THR A 28 1.58 -39.25 -14.02
CA THR A 28 2.92 -39.58 -14.51
C THR A 28 3.73 -38.32 -14.80
N ALA A 29 3.07 -37.23 -15.18
CA ALA A 29 3.81 -36.01 -15.50
C ALA A 29 4.31 -35.28 -14.26
N VAL A 30 3.59 -35.36 -13.13
CA VAL A 30 3.97 -34.59 -11.93
C VAL A 30 4.81 -35.40 -10.94
N LYS A 31 4.77 -36.73 -11.01
CA LYS A 31 5.56 -37.54 -10.10
C LYS A 31 7.05 -37.43 -10.42
N GLY A 32 7.87 -37.68 -9.41
CA GLY A 32 9.32 -37.54 -9.55
C GLY A 32 10.01 -37.98 -8.28
N ASP A 33 11.25 -37.56 -8.09
CA ASP A 33 11.99 -37.92 -6.88
C ASP A 33 12.65 -36.71 -6.21
N ALA A 34 12.28 -35.49 -6.59
CA ALA A 34 12.91 -34.31 -6.02
C ALA A 34 12.32 -33.94 -4.67
N LEU A 35 10.99 -33.86 -4.58
CA LEU A 35 10.27 -33.60 -3.34
C LEU A 35 9.32 -34.75 -3.04
N THR A 36 8.50 -34.56 -2.02
CA THR A 36 7.51 -35.58 -1.70
C THR A 36 6.22 -34.91 -1.22
N ALA A 37 5.09 -35.49 -1.61
CA ALA A 37 3.82 -35.18 -0.97
C ALA A 37 3.69 -35.98 0.32
N ARG A 38 2.89 -35.48 1.26
CA ARG A 38 2.83 -36.05 2.59
C ARG A 38 1.43 -35.85 3.15
N THR A 39 1.15 -36.48 4.29
CA THR A 39 -0.13 -36.27 4.96
C THR A 39 0.06 -36.15 6.47
N PRO A 40 -0.48 -35.10 7.10
CA PRO A 40 -0.50 -35.05 8.58
C PRO A 40 -1.31 -36.16 9.23
N LEU A 41 -2.20 -36.86 8.50
CA LEU A 41 -3.04 -37.85 9.17
C LEU A 41 -2.20 -38.97 9.76
N THR A 42 -1.13 -39.38 9.05
CA THR A 42 -0.16 -40.35 9.54
C THR A 42 1.25 -39.78 9.67
N GLY A 43 1.50 -38.58 9.16
CA GLY A 43 2.83 -38.03 9.11
C GLY A 43 3.73 -38.59 8.04
N ALA A 44 3.22 -39.49 7.19
CA ALA A 44 4.08 -40.21 6.25
C ALA A 44 4.11 -39.55 4.88
N ASP A 45 5.18 -39.81 4.15
CA ASP A 45 5.22 -39.42 2.75
C ASP A 45 4.24 -40.24 1.93
N LEU A 46 3.65 -39.61 0.92
CA LEU A 46 2.71 -40.29 0.03
C LEU A 46 3.39 -40.78 -1.25
N PHE A 47 4.08 -39.89 -1.96
CA PHE A 47 4.84 -40.24 -3.17
C PHE A 47 5.67 -39.03 -3.59
N GLY A 48 6.70 -39.30 -4.39
CA GLY A 48 7.61 -38.26 -4.79
C GLY A 48 7.12 -37.49 -6.00
N LEU A 49 7.62 -36.25 -6.11
CA LEU A 49 7.20 -35.29 -7.12
C LEU A 49 8.41 -34.67 -7.81
N ARG A 50 8.20 -34.28 -9.07
CA ARG A 50 9.15 -33.39 -9.75
C ARG A 50 9.18 -32.02 -9.07
N ALA A 51 10.31 -31.33 -9.22
CA ALA A 51 10.54 -29.99 -8.70
C ALA A 51 10.86 -29.00 -9.82
N GLN A 52 10.49 -27.74 -9.59
CA GLN A 52 11.03 -26.63 -10.35
C GLN A 52 12.32 -26.15 -9.70
N THR A 53 13.27 -25.74 -10.53
CA THR A 53 14.47 -25.03 -10.11
C THR A 53 14.21 -23.53 -10.05
N PRO A 54 15.11 -22.76 -9.44
CA PRO A 54 14.99 -21.30 -9.55
C PRO A 54 15.01 -20.81 -10.98
N GLU A 55 15.77 -21.47 -11.87
CA GLU A 55 15.77 -21.11 -13.28
C GLU A 55 14.40 -21.35 -13.90
N ASP A 56 13.72 -22.43 -13.49
CA ASP A 56 12.34 -22.65 -13.95
C ASP A 56 11.40 -21.56 -13.44
N VAL A 57 11.65 -21.00 -12.26
CA VAL A 57 10.80 -19.91 -11.76
C VAL A 57 10.88 -18.73 -12.70
N ASP A 58 12.10 -18.35 -13.10
CA ASP A 58 12.25 -17.23 -14.01
C ASP A 58 11.58 -17.51 -15.35
N ARG A 59 11.72 -18.73 -15.87
CA ARG A 59 11.04 -19.07 -17.11
C ARG A 59 9.53 -18.95 -16.96
N ALA A 60 9.00 -19.44 -15.83
CA ALA A 60 7.56 -19.34 -15.57
C ALA A 60 7.11 -17.89 -15.48
N VAL A 61 7.89 -17.04 -14.80
CA VAL A 61 7.51 -15.63 -14.68
C VAL A 61 7.49 -14.97 -16.04
N GLU A 62 8.48 -15.27 -16.89
CA GLU A 62 8.48 -14.62 -18.21
C GLU A 62 7.34 -15.09 -19.08
N ALA A 63 6.97 -16.38 -18.99
CA ALA A 63 5.82 -16.85 -19.75
C ALA A 63 4.52 -16.21 -19.23
N ALA A 64 4.44 -15.99 -17.92
CA ALA A 64 3.26 -15.30 -17.38
C ALA A 64 3.18 -13.87 -17.87
N HIS A 65 4.34 -13.23 -18.07
CA HIS A 65 4.34 -11.86 -18.57
C HIS A 65 3.89 -11.81 -20.02
N THR A 66 4.30 -12.80 -20.82
CA THR A 66 3.83 -12.86 -22.20
C THR A 66 2.32 -12.99 -22.25
N ALA A 67 1.76 -13.85 -21.40
CA ALA A 67 0.31 -13.99 -21.33
C ALA A 67 -0.33 -12.67 -20.92
N PHE A 68 0.29 -11.98 -19.97
CA PHE A 68 -0.21 -10.70 -19.48
C PHE A 68 -0.33 -9.68 -20.63
N LEU A 69 0.64 -9.67 -21.55
CA LEU A 69 0.59 -8.70 -22.64
C LEU A 69 -0.66 -8.88 -23.51
N THR A 70 -1.21 -10.09 -23.56
CA THR A 70 -2.47 -10.30 -24.26
C THR A 70 -3.67 -10.15 -23.34
N TRP A 71 -3.57 -10.65 -22.11
CA TRP A 71 -4.68 -10.63 -21.17
C TRP A 71 -5.06 -9.20 -20.77
N ARG A 72 -4.10 -8.29 -20.73
CA ARG A 72 -4.42 -6.95 -20.23
C ARG A 72 -5.26 -6.14 -21.21
N THR A 73 -5.27 -6.49 -22.49
CA THR A 73 -6.22 -5.87 -23.42
C THR A 73 -7.40 -6.77 -23.75
N THR A 74 -7.51 -7.93 -23.12
CA THR A 74 -8.74 -8.70 -23.21
C THR A 74 -9.80 -8.04 -22.35
N PRO A 75 -10.99 -7.72 -22.90
CA PRO A 75 -12.00 -7.00 -22.12
C PRO A 75 -12.29 -7.69 -20.80
N ALA A 76 -12.37 -6.91 -19.72
CA ALA A 76 -12.56 -7.51 -18.40
C ALA A 76 -13.79 -8.41 -18.30
N PRO A 77 -14.94 -8.12 -18.93
CA PRO A 77 -16.04 -9.08 -18.83
C PRO A 77 -15.73 -10.41 -19.49
N VAL A 78 -14.86 -10.40 -20.52
CA VAL A 78 -14.38 -11.65 -21.09
C VAL A 78 -13.48 -12.38 -20.10
N ARG A 79 -12.61 -11.64 -19.39
CA ARG A 79 -11.79 -12.24 -18.34
C ARG A 79 -12.66 -12.82 -17.24
N GLY A 80 -13.76 -12.13 -16.90
CA GLY A 80 -14.72 -12.67 -15.96
C GLY A 80 -15.37 -13.97 -16.43
N ALA A 81 -15.57 -14.12 -17.74
CA ALA A 81 -16.19 -15.36 -18.24
C ALA A 81 -15.28 -16.58 -18.02
N LEU A 82 -13.96 -16.38 -18.06
CA LEU A 82 -13.05 -17.46 -17.70
C LEU A 82 -13.21 -17.85 -16.24
N VAL A 83 -13.27 -16.85 -15.35
CA VAL A 83 -13.39 -17.12 -13.91
C VAL A 83 -14.73 -17.80 -13.61
N LYS A 84 -15.77 -17.47 -14.38
CA LYS A 84 -17.06 -18.14 -14.22
C LYS A 84 -16.97 -19.62 -14.59
N ARG A 85 -16.33 -19.93 -15.72
CA ARG A 85 -16.09 -21.31 -16.10
C ARG A 85 -15.29 -22.06 -15.02
N PHE A 86 -14.31 -21.39 -14.43
CA PHE A 86 -13.51 -22.04 -13.40
C PHE A 86 -14.34 -22.32 -12.15
N GLY A 87 -15.20 -21.38 -11.76
CA GLY A 87 -16.11 -21.63 -10.64
C GLY A 87 -17.03 -22.80 -10.88
N GLU A 88 -17.44 -23.03 -12.14
CA GLU A 88 -18.28 -24.18 -12.43
C GLU A 88 -17.50 -25.49 -12.25
N LEU A 89 -16.24 -25.53 -12.67
CA LEU A 89 -15.42 -26.72 -12.46
C LEU A 89 -15.16 -26.95 -10.98
N LEU A 90 -14.97 -25.89 -10.20
CA LEU A 90 -14.79 -26.03 -8.76
C LEU A 90 -16.05 -26.60 -8.10
N THR A 91 -17.23 -26.11 -8.49
CA THR A 91 -18.47 -26.67 -7.97
C THR A 91 -18.58 -28.17 -8.28
N GLU A 92 -18.25 -28.53 -9.51
CA GLU A 92 -18.35 -29.92 -9.96
C GLU A 92 -17.38 -30.83 -9.22
N HIS A 93 -16.22 -30.30 -8.84
CA HIS A 93 -15.20 -31.12 -8.19
C HIS A 93 -14.99 -30.74 -6.73
N LYS A 94 -16.01 -30.16 -6.09
CA LYS A 94 -15.89 -29.64 -4.73
C LYS A 94 -15.40 -30.73 -3.77
N GLN A 95 -16.01 -31.92 -3.83
CA GLN A 95 -15.61 -32.93 -2.85
C GLN A 95 -14.24 -33.52 -3.17
N ASP A 96 -13.88 -33.63 -4.46
CA ASP A 96 -12.54 -34.10 -4.81
C ASP A 96 -11.48 -33.18 -4.25
N LEU A 97 -11.69 -31.87 -4.38
CA LEU A 97 -10.74 -30.89 -3.86
C LEU A 97 -10.74 -30.90 -2.34
N ALA A 98 -11.93 -31.02 -1.74
CA ALA A 98 -11.99 -31.08 -0.28
C ALA A 98 -11.22 -32.27 0.26
N ASP A 99 -11.27 -33.41 -0.45
CA ASP A 99 -10.48 -34.58 -0.02
C ASP A 99 -9.00 -34.25 0.00
N LEU A 100 -8.48 -33.57 -1.03
CA LEU A 100 -7.08 -33.20 -1.02
C LEU A 100 -6.75 -32.23 0.11
N VAL A 101 -7.66 -31.29 0.42
CA VAL A 101 -7.44 -30.37 1.53
C VAL A 101 -7.33 -31.12 2.85
N THR A 102 -8.24 -32.08 3.08
CA THR A 102 -8.16 -32.91 4.28
C THR A 102 -6.84 -33.68 4.32
N ILE A 103 -6.43 -34.23 3.18
CA ILE A 103 -5.25 -35.09 3.16
C ILE A 103 -4.00 -34.29 3.48
N GLU A 104 -3.88 -33.06 2.97
CA GLU A 104 -2.63 -32.33 3.14
C GLU A 104 -2.63 -31.39 4.34
N ALA A 105 -3.76 -30.77 4.67
CA ALA A 105 -3.83 -29.84 5.78
C ALA A 105 -4.38 -30.48 7.05
N GLY A 106 -4.96 -31.67 6.95
CA GLY A 106 -5.53 -32.34 8.12
C GLY A 106 -6.86 -31.84 8.59
N LYS A 107 -7.58 -31.07 7.76
CA LYS A 107 -8.86 -30.47 8.15
C LYS A 107 -10.00 -31.47 8.10
N ILE A 108 -10.93 -31.33 9.05
CA ILE A 108 -12.12 -32.18 9.01
C ILE A 108 -12.94 -31.87 7.76
N ARG A 109 -13.82 -32.82 7.41
CA ARG A 109 -14.56 -32.76 6.15
C ARG A 109 -15.32 -31.45 6.00
N SER A 110 -16.03 -31.03 7.05
CA SER A 110 -16.84 -29.82 6.98
C SER A 110 -15.98 -28.59 6.73
N GLU A 111 -14.79 -28.50 7.35
CA GLU A 111 -13.94 -27.33 7.13
C GLU A 111 -13.29 -27.36 5.76
N ALA A 112 -12.95 -28.55 5.24
CA ALA A 112 -12.36 -28.65 3.91
C ALA A 112 -13.38 -28.28 2.84
N LEU A 113 -14.63 -28.72 3.00
CA LEU A 113 -15.65 -28.33 2.04
C LEU A 113 -15.90 -26.83 2.13
N GLY A 114 -15.89 -26.28 3.34
CA GLY A 114 -16.08 -24.84 3.49
C GLY A 114 -14.97 -24.03 2.86
N GLU A 115 -13.73 -24.52 2.93
CA GLU A 115 -12.64 -23.82 2.27
C GLU A 115 -12.80 -23.83 0.75
N VAL A 116 -13.18 -24.97 0.18
CA VAL A 116 -13.46 -25.01 -1.26
C VAL A 116 -14.62 -24.07 -1.59
N GLN A 117 -15.65 -24.01 -0.72
CA GLN A 117 -16.76 -23.09 -0.95
C GLN A 117 -16.29 -21.63 -1.00
N GLU A 118 -15.26 -21.27 -0.23
CA GLU A 118 -14.71 -19.92 -0.33
C GLU A 118 -14.23 -19.63 -1.75
N MET A 119 -13.57 -20.61 -2.38
CA MET A 119 -13.11 -20.45 -3.77
C MET A 119 -14.28 -20.15 -4.69
N ILE A 120 -15.35 -20.93 -4.59
CA ILE A 120 -16.53 -20.74 -5.43
C ILE A 120 -17.14 -19.36 -5.19
N ASP A 121 -17.25 -18.95 -3.92
CA ASP A 121 -17.83 -17.66 -3.56
C ASP A 121 -17.05 -16.50 -4.17
N ILE A 122 -15.72 -16.55 -4.09
CA ILE A 122 -14.93 -15.44 -4.61
C ILE A 122 -14.95 -15.45 -6.14
N CYS A 123 -15.09 -16.63 -6.77
CA CYS A 123 -15.30 -16.64 -8.23
C CYS A 123 -16.58 -15.90 -8.60
N ASP A 124 -17.67 -16.19 -7.88
CA ASP A 124 -18.92 -15.46 -8.07
C ASP A 124 -18.70 -13.95 -7.93
N PHE A 125 -18.02 -13.55 -6.84
CA PHE A 125 -17.77 -12.12 -6.58
C PHE A 125 -16.96 -11.51 -7.72
N ALA A 126 -15.94 -12.22 -8.21
CA ALA A 126 -15.03 -11.67 -9.20
C ALA A 126 -15.70 -11.53 -10.56
N VAL A 127 -16.63 -12.43 -10.89
CA VAL A 127 -17.37 -12.29 -12.14
C VAL A 127 -18.17 -10.98 -12.14
N GLY A 128 -18.78 -10.66 -11.00
CA GLY A 128 -19.45 -9.37 -10.86
C GLY A 128 -18.48 -8.20 -10.96
N LEU A 129 -17.33 -8.30 -10.29
CA LEU A 129 -16.30 -7.25 -10.37
C LEU A 129 -15.85 -6.97 -11.80
N SER A 130 -15.89 -7.96 -12.68
CA SER A 130 -15.35 -7.79 -14.03
C SER A 130 -16.12 -6.77 -14.84
N ARG A 131 -17.31 -6.38 -14.42
CA ARG A 131 -18.00 -5.25 -15.03
C ARG A 131 -17.93 -4.00 -14.18
N GLN A 132 -17.10 -4.00 -13.14
CA GLN A 132 -17.01 -2.82 -12.28
C GLN A 132 -15.61 -2.21 -12.28
N LEU A 133 -14.70 -2.74 -11.48
CA LEU A 133 -13.35 -2.20 -11.36
C LEU A 133 -13.36 -0.66 -11.42
N TYR A 134 -14.19 -0.04 -10.58
CA TYR A 134 -14.58 1.36 -10.78
C TYR A 134 -13.45 2.34 -10.46
N GLY A 135 -13.16 3.23 -11.41
CA GLY A 135 -12.51 4.50 -11.13
C GLY A 135 -13.52 5.61 -11.01
N ARG A 136 -13.10 6.83 -11.35
CA ARG A 136 -13.95 8.00 -11.14
C ARG A 136 -13.88 8.96 -12.32
N THR A 137 -14.95 9.73 -12.50
CA THR A 137 -14.90 10.96 -13.28
C THR A 137 -15.19 12.10 -12.31
N MET A 138 -14.56 13.26 -12.51
CA MET A 138 -14.70 14.34 -11.53
C MET A 138 -14.45 15.67 -12.21
N PRO A 139 -14.91 16.78 -11.61
CA PRO A 139 -14.63 18.09 -12.18
C PRO A 139 -13.16 18.43 -12.17
N THR A 140 -12.77 19.27 -13.12
CA THR A 140 -11.46 19.90 -13.16
C THR A 140 -11.63 21.40 -13.06
N GLU A 141 -10.63 22.07 -12.50
CA GLU A 141 -10.66 23.51 -12.39
C GLU A 141 -10.39 24.21 -13.72
N ARG A 142 -9.97 23.48 -14.75
CA ARG A 142 -9.54 24.06 -16.01
C ARG A 142 -10.69 24.08 -17.00
N PRO A 143 -11.03 25.26 -17.54
CA PRO A 143 -12.11 25.34 -18.54
C PRO A 143 -11.77 24.52 -19.78
N GLY A 144 -12.80 23.87 -20.34
CA GLY A 144 -12.60 23.11 -21.56
C GLY A 144 -11.64 21.94 -21.41
N HIS A 145 -11.55 21.39 -20.20
CA HIS A 145 -10.83 20.15 -19.88
C HIS A 145 -11.79 19.15 -19.25
N ARG A 146 -11.37 17.88 -19.23
CA ARG A 146 -12.08 16.82 -18.54
C ARG A 146 -11.07 16.09 -17.66
N LEU A 147 -11.52 15.51 -16.54
CA LEU A 147 -10.63 14.81 -15.60
C LEU A 147 -11.25 13.48 -15.21
N MET A 148 -10.42 12.45 -15.13
CA MET A 148 -10.91 11.14 -14.73
C MET A 148 -9.77 10.33 -14.13
N GLU A 149 -10.15 9.28 -13.40
CA GLU A 149 -9.24 8.31 -12.83
C GLU A 149 -9.61 6.93 -13.36
N THR A 150 -8.63 6.22 -13.95
CA THR A 150 -8.84 4.90 -14.51
C THR A 150 -7.94 3.88 -13.81
N TRP A 151 -8.31 2.60 -13.93
CA TRP A 151 -7.54 1.50 -13.33
C TRP A 151 -7.08 0.57 -14.45
N HIS A 152 -5.81 0.19 -14.42
CA HIS A 152 -5.24 -0.64 -15.46
C HIS A 152 -4.59 -1.89 -14.87
N PRO A 153 -4.59 -3.00 -15.62
CA PRO A 153 -3.88 -4.20 -15.16
C PRO A 153 -2.42 -3.92 -14.85
N LEU A 154 -1.92 -4.62 -13.85
CA LEU A 154 -0.62 -4.35 -13.27
C LEU A 154 0.49 -5.21 -13.88
N GLY A 155 0.31 -6.52 -13.96
CA GLY A 155 1.38 -7.41 -14.43
C GLY A 155 1.26 -8.80 -13.79
N VAL A 156 2.41 -9.47 -13.67
CA VAL A 156 2.46 -10.80 -13.04
C VAL A 156 2.35 -10.66 -11.53
N VAL A 157 1.47 -11.44 -10.91
CA VAL A 157 1.28 -11.45 -9.47
C VAL A 157 1.88 -12.75 -8.91
N GLY A 158 2.80 -12.63 -7.96
CA GLY A 158 3.36 -13.79 -7.28
C GLY A 158 2.59 -14.07 -6.00
N VAL A 159 2.11 -15.30 -5.88
CA VAL A 159 1.26 -15.71 -4.74
C VAL A 159 2.04 -16.74 -3.92
N ILE A 160 2.26 -16.41 -2.65
CA ILE A 160 2.88 -17.30 -1.65
C ILE A 160 1.80 -17.68 -0.65
N SER A 161 1.45 -18.96 -0.58
CA SER A 161 0.43 -19.42 0.37
C SER A 161 1.02 -20.42 1.36
N ALA A 162 0.25 -20.74 2.41
CA ALA A 162 0.74 -21.59 3.49
C ALA A 162 -0.01 -22.93 3.50
N PHE A 163 0.37 -23.79 4.44
CA PHE A 163 -0.21 -25.13 4.48
C PHE A 163 -1.66 -25.10 4.93
N ASN A 164 -2.04 -24.09 5.72
CA ASN A 164 -3.27 -24.22 6.50
C ASN A 164 -4.51 -23.82 5.72
N PHE A 165 -4.38 -22.95 4.71
CA PHE A 165 -5.44 -22.72 3.73
C PHE A 165 -4.86 -22.93 2.34
N PRO A 166 -4.71 -24.19 1.92
CA PRO A 166 -3.93 -24.47 0.70
C PRO A 166 -4.67 -24.19 -0.60
N VAL A 167 -5.98 -23.86 -0.58
CA VAL A 167 -6.66 -23.53 -1.83
C VAL A 167 -7.37 -22.17 -1.78
N ALA A 168 -7.93 -21.77 -0.63
CA ALA A 168 -8.76 -20.56 -0.59
C ALA A 168 -7.92 -19.31 -0.79
N VAL A 169 -6.74 -19.25 -0.16
CA VAL A 169 -5.92 -18.04 -0.26
C VAL A 169 -5.54 -17.80 -1.72
N TRP A 170 -5.04 -18.83 -2.41
CA TRP A 170 -4.74 -18.65 -3.82
C TRP A 170 -5.99 -18.24 -4.61
N ALA A 171 -7.16 -18.81 -4.27
CA ALA A 171 -8.36 -18.48 -5.01
C ALA A 171 -8.72 -17.00 -4.83
N TRP A 172 -8.61 -16.47 -3.59
CA TRP A 172 -8.83 -15.04 -3.37
C TRP A 172 -7.97 -14.22 -4.31
N ASN A 173 -6.68 -14.57 -4.40
CA ASN A 173 -5.72 -13.80 -5.20
C ASN A 173 -5.92 -14.02 -6.69
N ALA A 174 -6.12 -15.28 -7.12
CA ALA A 174 -6.18 -15.58 -8.55
C ALA A 174 -7.50 -15.12 -9.18
N ALA A 175 -8.64 -15.34 -8.53
CA ALA A 175 -9.89 -14.91 -9.13
C ALA A 175 -9.91 -13.40 -9.34
N VAL A 176 -9.45 -12.66 -8.33
CA VAL A 176 -9.42 -11.20 -8.43
C VAL A 176 -8.37 -10.76 -9.43
N ALA A 177 -7.14 -11.30 -9.30
CA ALA A 177 -6.07 -10.90 -10.22
C ALA A 177 -6.45 -11.16 -11.68
N LEU A 178 -7.04 -12.32 -11.97
CA LEU A 178 -7.39 -12.62 -13.35
C LEU A 178 -8.44 -11.66 -13.90
N VAL A 179 -9.48 -11.34 -13.13
CA VAL A 179 -10.43 -10.41 -13.72
C VAL A 179 -9.85 -9.01 -13.83
N CYS A 180 -8.83 -8.66 -13.01
CA CYS A 180 -8.11 -7.39 -13.12
C CYS A 180 -7.08 -7.36 -14.25
N GLY A 181 -7.00 -8.41 -15.07
CA GLY A 181 -6.10 -8.44 -16.20
C GLY A 181 -4.68 -8.86 -15.88
N ASP A 182 -4.42 -9.33 -14.66
CA ASP A 182 -3.11 -9.82 -14.25
C ASP A 182 -2.98 -11.30 -14.57
N THR A 183 -1.76 -11.82 -14.44
CA THR A 183 -1.49 -13.25 -14.50
C THR A 183 -0.82 -13.65 -13.19
N VAL A 184 -0.71 -14.96 -12.95
CA VAL A 184 -0.37 -15.46 -11.62
C VAL A 184 0.73 -16.51 -11.71
N VAL A 185 1.74 -16.39 -10.86
CA VAL A 185 2.67 -17.48 -10.57
C VAL A 185 2.55 -17.82 -9.09
N TRP A 186 2.15 -19.05 -8.81
CA TRP A 186 1.77 -19.51 -7.47
C TRP A 186 2.86 -20.42 -6.91
N LYS A 187 3.37 -20.06 -5.73
CA LYS A 187 4.30 -20.91 -5.00
C LYS A 187 3.57 -21.43 -3.76
N PRO A 188 3.02 -22.64 -3.78
CA PRO A 188 2.32 -23.16 -2.60
C PRO A 188 3.29 -23.66 -1.56
N SER A 189 2.75 -23.92 -0.36
CA SER A 189 3.57 -24.49 0.71
C SER A 189 4.25 -25.77 0.25
N GLU A 190 5.50 -25.96 0.69
CA GLU A 190 6.15 -27.24 0.44
C GLU A 190 5.39 -28.40 1.08
N LEU A 191 4.53 -28.11 2.05
CA LEU A 191 3.77 -29.17 2.71
C LEU A 191 2.51 -29.57 1.96
N THR A 192 2.01 -28.75 1.02
CA THR A 192 0.72 -29.00 0.37
C THR A 192 0.77 -28.80 -1.15
N PRO A 193 1.66 -29.52 -1.86
CA PRO A 193 1.70 -29.33 -3.32
C PRO A 193 0.52 -29.92 -4.07
N LEU A 194 -0.12 -31.00 -3.58
CA LEU A 194 -1.14 -31.70 -4.38
C LEU A 194 -2.39 -30.84 -4.57
N THR A 195 -2.84 -30.17 -3.49
CA THR A 195 -3.97 -29.26 -3.63
C THR A 195 -3.71 -28.25 -4.76
N ALA A 196 -2.50 -27.71 -4.82
CA ALA A 196 -2.18 -26.71 -5.84
C ALA A 196 -2.18 -27.31 -7.24
N LEU A 197 -1.60 -28.50 -7.40
CA LEU A 197 -1.64 -29.17 -8.71
C LEU A 197 -3.08 -29.39 -9.18
N ALA A 198 -3.98 -29.79 -8.27
CA ALA A 198 -5.37 -30.02 -8.68
C ALA A 198 -6.05 -28.71 -9.09
N CYS A 199 -5.87 -27.66 -8.27
CA CYS A 199 -6.43 -26.35 -8.61
C CYS A 199 -5.94 -25.87 -9.97
N ALA A 200 -4.63 -25.97 -10.22
CA ALA A 200 -4.08 -25.48 -11.49
C ALA A 200 -4.61 -26.29 -12.67
N ALA A 201 -4.80 -27.60 -12.49
CA ALA A 201 -5.31 -28.41 -13.59
C ALA A 201 -6.74 -28.03 -13.95
N LEU A 202 -7.58 -27.79 -12.94
CA LEU A 202 -8.95 -27.35 -13.23
C LEU A 202 -8.95 -25.99 -13.95
N LEU A 203 -8.08 -25.08 -13.52
CA LEU A 203 -8.03 -23.78 -14.19
C LEU A 203 -7.48 -23.90 -15.62
N ASP A 204 -6.48 -24.77 -15.84
CA ASP A 204 -6.01 -25.01 -17.21
C ASP A 204 -7.11 -25.57 -18.10
N LEU A 205 -8.02 -26.38 -17.55
CA LEU A 205 -9.17 -26.81 -18.33
C LEU A 205 -10.10 -25.65 -18.63
N ALA A 206 -10.39 -24.79 -17.64
CA ALA A 206 -11.17 -23.60 -17.90
C ALA A 206 -10.54 -22.76 -19.01
N ILE A 207 -9.21 -22.61 -18.95
CA ILE A 207 -8.48 -21.78 -19.93
C ILE A 207 -8.60 -22.36 -21.34
N ALA A 208 -8.47 -23.68 -21.46
CA ALA A 208 -8.62 -24.34 -22.77
C ALA A 208 -10.04 -24.17 -23.31
N ASP A 209 -11.07 -24.39 -22.48
CA ASP A 209 -12.46 -24.20 -22.92
C ASP A 209 -12.70 -22.78 -23.39
N ALA A 210 -12.10 -21.79 -22.71
CA ALA A 210 -12.31 -20.39 -23.04
C ALA A 210 -11.46 -19.91 -24.20
N GLY A 211 -10.46 -20.67 -24.62
CA GLY A 211 -9.50 -20.14 -25.58
C GLY A 211 -8.61 -19.04 -25.04
N ALA A 212 -8.43 -18.99 -23.73
CA ALA A 212 -7.65 -17.94 -23.10
C ALA A 212 -6.16 -18.25 -23.23
N PRO A 213 -5.28 -17.27 -22.97
CA PRO A 213 -3.83 -17.53 -23.07
C PRO A 213 -3.39 -18.62 -22.10
N LYS A 214 -2.51 -19.51 -22.59
CA LYS A 214 -2.08 -20.64 -21.77
C LYS A 214 -1.30 -20.23 -20.53
N GLY A 215 -0.60 -19.11 -20.54
CA GLY A 215 0.20 -18.82 -19.36
C GLY A 215 -0.45 -17.98 -18.27
N LEU A 216 -1.79 -18.00 -18.12
CA LEU A 216 -2.42 -17.11 -17.15
C LEU A 216 -2.08 -17.49 -15.70
N ASN A 217 -1.86 -18.77 -15.43
CA ASN A 217 -1.56 -19.24 -14.08
C ASN A 217 -0.63 -20.43 -14.14
N GLN A 218 0.37 -20.46 -13.26
CA GLN A 218 1.32 -21.57 -13.18
C GLN A 218 1.68 -21.84 -11.74
N VAL A 219 1.84 -23.12 -11.40
CA VAL A 219 2.27 -23.54 -10.07
C VAL A 219 3.74 -23.91 -10.15
N VAL A 220 4.56 -23.38 -9.25
CA VAL A 220 5.95 -23.78 -9.13
C VAL A 220 6.11 -24.58 -7.84
N VAL A 221 6.60 -25.82 -7.97
CA VAL A 221 6.74 -26.75 -6.85
C VAL A 221 8.19 -26.77 -6.43
N GLY A 222 8.46 -26.42 -5.18
CA GLY A 222 9.84 -26.47 -4.72
C GLY A 222 9.96 -26.09 -3.26
N ALA A 223 11.21 -25.89 -2.84
CA ALA A 223 11.53 -25.49 -1.48
C ALA A 223 11.75 -23.98 -1.43
N ALA A 224 12.47 -23.51 -0.41
CA ALA A 224 12.56 -22.08 -0.15
C ALA A 224 13.29 -21.33 -1.25
N ASP A 225 14.27 -21.95 -1.92
CA ASP A 225 14.99 -21.23 -2.97
C ASP A 225 14.06 -20.88 -4.12
N VAL A 226 13.02 -21.68 -4.33
CA VAL A 226 12.04 -21.42 -5.38
C VAL A 226 11.22 -20.18 -5.05
N GLY A 227 10.76 -20.09 -3.79
CA GLY A 227 10.00 -18.92 -3.38
C GLY A 227 10.80 -17.64 -3.42
N GLU A 228 12.08 -17.71 -3.04
CA GLU A 228 12.91 -16.51 -2.99
C GLU A 228 13.09 -15.92 -4.38
N ARG A 229 13.24 -16.80 -5.38
CA ARG A 229 13.45 -16.32 -6.74
C ARG A 229 12.18 -15.65 -7.25
N LEU A 230 11.02 -16.20 -6.90
CA LEU A 230 9.77 -15.54 -7.25
C LEU A 230 9.69 -14.15 -6.64
N VAL A 231 9.97 -14.04 -5.33
CA VAL A 231 9.90 -12.78 -4.59
C VAL A 231 10.85 -11.73 -5.18
N ASP A 232 12.02 -12.14 -5.66
CA ASP A 232 13.03 -11.20 -6.14
C ASP A 232 12.87 -10.81 -7.61
N SER A 233 11.93 -11.42 -8.34
CA SER A 233 11.83 -11.14 -9.77
C SER A 233 11.47 -9.67 -10.05
N PRO A 234 12.22 -8.97 -10.91
CA PRO A 234 11.82 -7.62 -11.33
C PRO A 234 10.60 -7.60 -12.25
N ARG A 235 10.17 -8.74 -12.77
CA ARG A 235 8.97 -8.85 -13.59
C ARG A 235 7.70 -9.10 -12.75
N VAL A 236 7.80 -9.07 -11.42
CA VAL A 236 6.64 -9.37 -10.59
C VAL A 236 6.28 -8.13 -9.76
N PRO A 237 5.39 -7.26 -10.27
CA PRO A 237 5.12 -5.99 -9.57
C PRO A 237 4.34 -6.14 -8.26
N LEU A 238 3.69 -7.28 -8.01
CA LEU A 238 2.95 -7.49 -6.76
C LEU A 238 3.25 -8.89 -6.22
N VAL A 239 3.64 -8.98 -4.95
CA VAL A 239 3.77 -10.25 -4.25
C VAL A 239 2.73 -10.28 -3.14
N SER A 240 1.92 -11.33 -3.10
CA SER A 240 0.93 -11.54 -2.06
C SER A 240 1.36 -12.74 -1.22
N ALA A 241 1.62 -12.50 0.08
CA ALA A 241 2.11 -13.55 0.97
C ALA A 241 1.21 -13.64 2.19
N THR A 242 0.58 -14.80 2.36
CA THR A 242 -0.36 -15.06 3.44
C THR A 242 0.11 -16.28 4.22
N GLY A 243 0.12 -16.17 5.54
CA GLY A 243 0.51 -17.30 6.37
C GLY A 243 1.55 -16.96 7.42
N SER A 244 1.65 -17.81 8.44
CA SER A 244 2.60 -17.61 9.53
C SER A 244 3.87 -18.45 9.28
N GLY A 248 8.20 -15.20 5.45
CA GLY A 248 7.14 -14.26 5.15
C GLY A 248 7.47 -12.86 5.63
N ARG A 249 8.05 -12.77 6.82
CA ARG A 249 8.34 -11.46 7.40
C ARG A 249 9.46 -10.73 6.67
N ALA A 250 10.24 -11.42 5.85
CA ALA A 250 11.26 -10.77 5.04
C ALA A 250 10.74 -10.32 3.68
N VAL A 251 9.54 -10.72 3.30
CA VAL A 251 9.03 -10.41 1.96
C VAL A 251 8.87 -8.90 1.78
N GLY A 252 8.34 -8.22 2.79
CA GLY A 252 8.05 -6.80 2.70
C GLY A 252 9.25 -5.94 2.31
N PRO A 253 10.31 -5.99 3.11
CA PRO A 253 11.50 -5.18 2.80
C PRO A 253 12.16 -5.54 1.49
N ARG A 254 12.20 -6.82 1.13
CA ARG A 254 12.90 -7.21 -0.09
C ARG A 254 12.16 -6.75 -1.34
N VAL A 255 10.84 -6.82 -1.33
CA VAL A 255 10.07 -6.30 -2.46
C VAL A 255 10.11 -4.78 -2.46
N ALA A 256 10.00 -4.16 -1.28
CA ALA A 256 10.13 -2.70 -1.22
C ALA A 256 11.45 -2.24 -1.83
N ALA A 257 12.53 -3.00 -1.60
CA ALA A 257 13.86 -2.59 -2.09
C ALA A 257 13.93 -2.53 -3.60
N ARG A 258 13.10 -3.32 -4.31
CA ARG A 258 13.05 -3.24 -5.77
C ARG A 258 11.82 -2.50 -6.25
N PHE A 259 11.22 -1.68 -5.39
CA PHE A 259 10.09 -0.82 -5.74
C PHE A 259 8.88 -1.61 -6.23
N GLY A 260 8.69 -2.81 -5.66
CA GLY A 260 7.47 -3.57 -5.89
C GLY A 260 6.45 -3.34 -4.79
N ARG A 261 5.28 -3.97 -4.96
CA ARG A 261 4.15 -3.87 -4.06
C ARG A 261 3.92 -5.20 -3.34
N THR A 262 3.43 -5.15 -2.09
CA THR A 262 3.12 -6.38 -1.38
C THR A 262 1.75 -6.31 -0.72
N ILE A 263 1.10 -7.47 -0.66
CA ILE A 263 -0.02 -7.74 0.24
C ILE A 263 0.47 -8.76 1.25
N LEU A 264 0.51 -8.37 2.53
CA LEU A 264 1.07 -9.21 3.59
C LEU A 264 0.03 -9.48 4.67
N GLU A 265 -0.14 -10.76 5.01
CA GLU A 265 -0.96 -11.17 6.15
C GLU A 265 -0.17 -12.29 6.82
N LEU A 266 0.51 -11.94 7.92
CA LEU A 266 1.65 -12.70 8.41
C LEU A 266 1.40 -13.44 9.72
N GLY A 267 0.19 -13.41 10.24
CA GLY A 267 -0.09 -14.12 11.47
C GLY A 267 -0.96 -13.28 12.39
N GLY A 268 -1.47 -13.89 13.46
CA GLY A 268 -2.33 -13.16 14.38
C GLY A 268 -2.23 -13.80 15.74
N ASN A 269 -2.63 -13.04 16.75
CA ASN A 269 -2.66 -13.53 18.13
C ASN A 269 -3.97 -13.03 18.73
N ASN A 270 -5.08 -13.63 18.31
CA ASN A 270 -6.37 -12.97 18.34
C ASN A 270 -7.11 -13.24 19.64
N ALA A 271 -7.77 -12.19 20.15
CA ALA A 271 -8.46 -12.22 21.43
C ALA A 271 -9.96 -12.05 21.26
N ALA A 272 -10.73 -12.55 22.24
CA ALA A 272 -12.12 -12.16 22.39
C ALA A 272 -12.35 -11.74 23.83
N VAL A 273 -13.15 -10.68 24.00
CA VAL A 273 -13.53 -10.17 25.32
C VAL A 273 -14.90 -10.73 25.67
N VAL A 274 -15.05 -11.21 26.91
CA VAL A 274 -16.32 -11.74 27.41
C VAL A 274 -16.78 -10.84 28.56
N THR A 275 -17.86 -10.09 28.35
CA THR A 275 -18.36 -9.12 29.31
C THR A 275 -19.37 -9.79 30.25
N PRO A 276 -19.73 -9.12 31.34
CA PRO A 276 -20.67 -9.75 32.29
C PRO A 276 -22.04 -10.08 31.70
N SER A 277 -22.47 -9.36 30.67
CA SER A 277 -23.80 -9.59 30.10
C SER A 277 -23.78 -10.58 28.93
N ALA A 278 -22.62 -11.20 28.66
CA ALA A 278 -22.51 -12.14 27.53
C ALA A 278 -23.47 -13.31 27.67
N ASP A 279 -24.08 -13.70 26.55
CA ASP A 279 -24.81 -14.95 26.46
C ASP A 279 -23.80 -16.09 26.48
N LEU A 280 -23.76 -16.83 27.60
CA LEU A 280 -22.65 -17.77 27.78
C LEU A 280 -22.78 -19.00 26.90
N ASP A 281 -24.00 -19.47 26.63
CA ASP A 281 -24.14 -20.58 25.69
C ASP A 281 -23.58 -20.22 24.33
N LEU A 282 -23.96 -19.03 23.83
CA LEU A 282 -23.42 -18.53 22.57
C LEU A 282 -21.90 -18.36 22.65
N THR A 283 -21.41 -17.70 23.71
CA THR A 283 -19.97 -17.40 23.83
C THR A 283 -19.12 -18.68 23.85
N VAL A 284 -19.55 -19.69 24.60
CA VAL A 284 -18.77 -20.92 24.71
C VAL A 284 -18.74 -21.65 23.37
N ASN A 285 -19.89 -21.77 22.71
CA ASN A 285 -19.95 -22.42 21.39
C ASN A 285 -19.06 -21.71 20.38
N ALA A 286 -19.11 -20.37 20.37
CA ALA A 286 -18.31 -19.60 19.43
C ALA A 286 -16.83 -19.70 19.76
N ALA A 287 -16.47 -19.63 21.04
CA ALA A 287 -15.06 -19.70 21.43
C ALA A 287 -14.48 -21.08 21.15
N VAL A 288 -15.27 -22.14 21.32
CA VAL A 288 -14.76 -23.48 21.04
C VAL A 288 -14.38 -23.63 19.57
N PHE A 289 -15.27 -23.21 18.66
CA PHE A 289 -14.92 -23.26 17.24
C PHE A 289 -13.74 -22.35 16.89
N ALA A 290 -13.71 -21.14 17.46
CA ALA A 290 -12.62 -20.23 17.12
C ALA A 290 -11.27 -20.72 17.67
N ALA A 291 -11.27 -21.34 18.84
CA ALA A 291 -10.01 -21.81 19.44
C ALA A 291 -9.56 -23.14 18.86
N ALA A 292 -10.50 -24.06 18.60
CA ALA A 292 -10.17 -25.44 18.27
C ALA A 292 -10.29 -25.77 16.80
N GLY A 293 -11.05 -24.98 16.02
CA GLY A 293 -11.20 -25.27 14.61
C GLY A 293 -9.85 -25.29 13.91
N THR A 294 -9.72 -26.20 12.95
CA THR A 294 -8.46 -26.39 12.21
C THR A 294 -7.32 -26.73 13.16
N ALA A 295 -7.65 -27.34 14.31
CA ALA A 295 -6.67 -27.67 15.35
C ALA A 295 -5.86 -26.44 15.76
N GLY A 296 -6.53 -25.29 15.80
CA GLY A 296 -5.87 -24.05 16.20
C GLY A 296 -4.85 -23.52 15.22
N GLN A 297 -4.90 -23.93 13.94
CA GLN A 297 -3.89 -23.57 12.95
C GLN A 297 -4.42 -22.59 11.91
N ARG A 298 -5.25 -21.63 12.32
CA ARG A 298 -5.60 -20.50 11.47
C ARG A 298 -4.85 -19.26 11.92
N CYS A 299 -4.54 -18.36 10.98
CA CYS A 299 -4.04 -17.06 11.42
C CYS A 299 -5.09 -16.34 12.27
N THR A 300 -6.36 -16.66 12.06
CA THR A 300 -7.49 -16.05 12.77
C THR A 300 -7.89 -16.82 14.02
N THR A 301 -7.14 -17.85 14.42
CA THR A 301 -7.52 -18.68 15.56
C THR A 301 -7.63 -17.84 16.84
N LEU A 302 -8.61 -18.18 17.67
CA LEU A 302 -8.72 -17.54 18.98
C LEU A 302 -7.66 -18.09 19.93
N ARG A 303 -6.76 -17.23 20.40
CA ARG A 303 -5.69 -17.66 21.29
C ARG A 303 -5.73 -17.00 22.66
N ARG A 304 -6.51 -15.92 22.85
CA ARG A 304 -6.58 -15.19 24.10
C ARG A 304 -8.05 -14.92 24.43
N LEU A 305 -8.46 -15.23 25.65
CA LEU A 305 -9.82 -14.96 26.10
C LEU A 305 -9.75 -14.05 27.32
N ILE A 306 -10.36 -12.88 27.21
CA ILE A 306 -10.24 -11.81 28.21
C ILE A 306 -11.61 -11.70 28.87
N VAL A 307 -11.75 -12.29 30.07
CA VAL A 307 -13.06 -12.53 30.69
C VAL A 307 -13.23 -11.65 31.92
N HIS A 308 -14.42 -11.06 32.06
CA HIS A 308 -14.66 -10.21 33.22
C HIS A 308 -14.60 -11.06 34.49
N GLU A 309 -14.02 -10.49 35.54
CA GLU A 309 -13.78 -11.29 36.75
C GLU A 309 -15.07 -11.81 37.37
N ASP A 310 -16.22 -11.17 37.16
CA ASP A 310 -17.45 -11.68 37.78
C ASP A 310 -17.93 -12.99 37.16
N ILE A 311 -17.55 -13.29 35.91
CA ILE A 311 -18.00 -14.51 35.27
C ILE A 311 -16.83 -15.42 34.89
N ALA A 312 -15.61 -15.09 35.34
CA ALA A 312 -14.44 -15.84 34.88
C ALA A 312 -14.51 -17.29 35.29
N ASP A 313 -14.84 -17.55 36.56
CA ASP A 313 -14.84 -18.93 37.05
C ASP A 313 -15.83 -19.79 36.29
N THR A 314 -17.04 -19.28 36.04
CA THR A 314 -18.01 -20.12 35.35
C THR A 314 -17.66 -20.29 33.87
N VAL A 315 -17.05 -19.28 33.24
CA VAL A 315 -16.66 -19.42 31.84
C VAL A 315 -15.57 -20.47 31.69
N VAL A 316 -14.62 -20.49 32.63
CA VAL A 316 -13.55 -21.49 32.59
C VAL A 316 -14.10 -22.89 32.82
N GLU A 317 -15.05 -23.04 33.77
CA GLU A 317 -15.67 -24.35 33.99
C GLU A 317 -16.34 -24.88 32.74
N ARG A 318 -17.08 -24.01 32.04
CA ARG A 318 -17.80 -24.48 30.88
C ARG A 318 -16.86 -24.75 29.71
N LEU A 319 -15.79 -23.95 29.57
CA LEU A 319 -14.82 -24.23 28.51
C LEU A 319 -14.04 -25.50 28.81
N THR A 320 -13.74 -25.75 30.09
CA THR A 320 -13.04 -26.97 30.48
C THR A 320 -13.81 -28.22 30.06
N ALA A 321 -15.12 -28.23 30.34
CA ALA A 321 -15.97 -29.35 29.95
C ALA A 321 -16.10 -29.48 28.44
N ALA A 322 -16.22 -28.35 27.74
CA ALA A 322 -16.33 -28.41 26.28
C ALA A 322 -15.06 -28.99 25.67
N PHE A 323 -13.89 -28.53 26.12
CA PHE A 323 -12.63 -29.03 25.58
C PHE A 323 -12.46 -30.51 25.88
N GLU A 324 -12.91 -30.94 27.07
CA GLU A 324 -12.81 -32.33 27.46
C GLU A 324 -13.70 -33.24 26.62
N ARG A 325 -14.77 -32.70 26.02
CA ARG A 325 -15.69 -33.50 25.22
C ARG A 325 -15.39 -33.44 23.72
N LEU A 326 -14.40 -32.68 23.28
CA LEU A 326 -14.13 -32.57 21.86
C LEU A 326 -13.71 -33.93 21.29
N PRO A 327 -14.33 -34.39 20.21
CA PRO A 327 -13.91 -35.65 19.59
C PRO A 327 -12.71 -35.44 18.68
N ILE A 328 -11.59 -36.04 19.04
CA ILE A 328 -10.34 -35.96 18.29
C ILE A 328 -10.16 -37.26 17.52
N GLY A 329 -9.75 -37.17 16.26
CA GLY A 329 -9.55 -38.39 15.48
C GLY A 329 -9.34 -38.11 14.01
N ASP A 330 -9.52 -39.16 13.20
CA ASP A 330 -9.33 -39.10 11.76
C ASP A 330 -10.25 -38.03 11.16
N PRO A 331 -9.71 -37.02 10.47
CA PRO A 331 -10.57 -35.96 9.90
C PRO A 331 -11.50 -36.43 8.79
N PHE A 332 -11.33 -37.65 8.26
CA PHE A 332 -12.31 -38.20 7.33
C PHE A 332 -13.57 -38.72 8.01
N GLN A 333 -13.53 -39.01 9.31
CA GLN A 333 -14.71 -39.51 10.01
C GLN A 333 -15.65 -38.37 10.36
N ASP A 334 -16.95 -38.57 10.09
CA ASP A 334 -17.93 -37.51 10.36
C ASP A 334 -17.98 -37.12 11.83
N THR A 335 -17.61 -38.03 12.73
CA THR A 335 -17.65 -37.74 14.16
C THR A 335 -16.54 -36.78 14.61
N THR A 336 -15.45 -36.68 13.86
CA THR A 336 -14.31 -35.90 14.31
C THR A 336 -14.55 -34.40 14.20
N LEU A 337 -14.18 -33.65 15.26
CA LEU A 337 -14.08 -32.20 15.21
C LEU A 337 -12.65 -31.67 15.23
N VAL A 338 -11.68 -32.46 15.72
CA VAL A 338 -10.29 -32.02 15.79
C VAL A 338 -9.42 -33.09 15.13
N GLY A 339 -8.77 -32.73 14.01
CA GLY A 339 -7.76 -33.56 13.39
C GLY A 339 -6.38 -33.26 13.91
N PRO A 340 -5.33 -33.70 13.19
CA PRO A 340 -3.96 -33.58 13.71
C PRO A 340 -3.35 -32.21 13.44
N LEU A 341 -2.31 -31.90 14.23
CA LEU A 341 -1.39 -30.83 13.89
C LEU A 341 -0.58 -31.22 12.65
N VAL A 342 0.06 -30.23 12.01
CA VAL A 342 0.63 -30.48 10.69
C VAL A 342 1.84 -31.41 10.78
N ASN A 343 2.68 -31.27 11.81
CA ASN A 343 3.88 -32.12 11.87
C ASN A 343 4.47 -32.10 13.27
N GLU A 344 5.58 -32.82 13.45
CA GLU A 344 6.16 -32.95 14.78
C GLU A 344 6.66 -31.62 15.32
N ALA A 345 7.21 -30.76 14.43
CA ALA A 345 7.71 -29.46 14.89
C ALA A 345 6.59 -28.63 15.51
N ALA A 346 5.37 -28.73 14.97
CA ALA A 346 4.25 -27.99 15.54
C ALA A 346 3.88 -28.51 16.93
N PHE A 347 3.91 -29.84 17.10
CA PHE A 347 3.64 -30.43 18.41
C PHE A 347 4.68 -29.97 19.44
N GLY A 348 5.97 -30.00 19.06
CA GLY A 348 7.02 -29.56 19.96
C GLY A 348 6.83 -28.11 20.42
N ARG A 349 6.51 -27.21 19.49
CA ARG A 349 6.30 -25.82 19.88
C ARG A 349 5.09 -25.69 20.82
N MET A 350 4.04 -26.47 20.59
CA MET A 350 2.88 -26.42 21.48
C MET A 350 3.26 -26.84 22.89
N ARG A 351 3.95 -27.97 23.02
CA ARG A 351 4.32 -28.44 24.36
C ARG A 351 5.27 -27.46 25.04
N GLU A 352 6.18 -26.85 24.29
CA GLU A 352 7.08 -25.89 24.93
C GLU A 352 6.32 -24.66 25.41
N ALA A 353 5.32 -24.19 24.67
CA ALA A 353 4.53 -23.04 25.10
C ALA A 353 3.74 -23.34 26.36
N VAL A 354 3.10 -24.51 26.42
CA VAL A 354 2.31 -24.86 27.60
C VAL A 354 3.21 -24.96 28.83
N GLU A 355 4.43 -25.48 28.66
CA GLU A 355 5.33 -25.58 29.81
C GLU A 355 5.87 -24.22 30.22
N ARG A 356 6.19 -23.37 29.24
CA ARG A 356 6.53 -21.99 29.58
C ARG A 356 5.39 -21.30 30.33
N ALA A 357 4.14 -21.54 29.91
CA ALA A 357 3.03 -20.81 30.51
C ALA A 357 2.86 -21.15 31.98
N THR A 358 2.92 -22.45 32.32
CA THR A 358 2.81 -22.81 33.74
C THR A 358 4.03 -22.31 34.51
N ALA A 359 5.21 -22.33 33.88
CA ALA A 359 6.39 -21.73 34.48
C ALA A 359 6.18 -20.24 34.78
N GLU A 360 5.42 -19.53 33.95
CA GLU A 360 5.14 -18.12 34.16
C GLU A 360 3.90 -17.90 35.05
N GLY A 361 3.49 -18.92 35.83
CA GLY A 361 2.42 -18.78 36.79
C GLY A 361 1.05 -19.30 36.36
N GLY A 362 0.93 -19.92 35.18
CA GLY A 362 -0.38 -20.31 34.69
C GLY A 362 -0.82 -21.70 35.14
N THR A 363 -2.11 -21.98 34.99
CA THR A 363 -2.70 -23.26 35.35
C THR A 363 -3.36 -23.90 34.14
N LEU A 364 -2.88 -25.09 33.75
CA LEU A 364 -3.48 -25.87 32.67
C LEU A 364 -4.80 -26.48 33.13
N CYS A 365 -5.92 -25.96 32.61
CA CYS A 365 -7.26 -26.39 33.03
C CYS A 365 -7.78 -27.59 32.24
N ALA A 366 -7.36 -27.76 30.98
CA ALA A 366 -7.83 -28.88 30.19
C ALA A 366 -6.91 -29.04 28.99
N GLY A 367 -6.86 -30.28 28.48
CA GLY A 367 -6.21 -30.61 27.24
C GLY A 367 -4.69 -30.48 27.26
N GLY A 368 -4.13 -30.44 26.04
CA GLY A 368 -2.71 -30.31 25.86
C GLY A 368 -1.97 -31.60 25.63
N GLU A 369 -2.62 -32.75 25.84
CA GLU A 369 -1.97 -34.05 25.75
C GLU A 369 -2.12 -34.65 24.36
N ARG A 370 -1.07 -35.35 23.92
CA ARG A 370 -1.13 -36.10 22.68
C ARG A 370 -2.06 -37.29 22.82
N GLN A 371 -2.95 -37.45 21.84
CA GLN A 371 -3.93 -38.53 21.83
C GLN A 371 -3.41 -39.72 21.03
N PHE A 372 -3.78 -40.92 21.49
CA PHE A 372 -3.47 -42.21 20.90
C PHE A 372 -2.17 -42.20 20.09
N PRO A 373 -1.02 -42.00 20.73
CA PRO A 373 0.23 -41.91 19.96
C PRO A 373 0.55 -43.17 19.18
N ASP A 374 0.22 -44.34 19.72
CA ASP A 374 0.54 -45.60 19.06
C ASP A 374 -0.37 -45.90 17.87
N ALA A 375 -1.51 -45.22 17.74
CA ALA A 375 -2.41 -45.47 16.62
C ALA A 375 -1.84 -44.92 15.31
N ALA A 376 -1.03 -43.89 15.37
CA ALA A 376 -0.39 -43.31 14.19
C ALA A 376 0.87 -42.62 14.70
N PRO A 377 1.95 -43.36 14.90
CA PRO A 377 3.11 -42.80 15.60
C PRO A 377 3.76 -41.62 14.89
N GLY A 378 3.57 -41.49 13.58
CA GLY A 378 4.11 -40.34 12.88
C GLY A 378 3.25 -39.09 12.89
N ALA A 379 2.04 -39.16 13.45
CA ALA A 379 1.07 -38.08 13.42
C ALA A 379 0.82 -37.57 14.83
N TYR A 380 0.42 -36.29 14.93
CA TYR A 380 0.33 -35.60 16.21
C TYR A 380 -1.09 -35.04 16.40
N TYR A 381 -1.94 -35.84 17.05
CA TYR A 381 -3.28 -35.46 17.44
C TYR A 381 -3.24 -35.00 18.89
N VAL A 382 -3.73 -33.80 19.16
CA VAL A 382 -3.68 -33.23 20.50
C VAL A 382 -5.05 -32.71 20.89
N ARG A 383 -5.34 -32.75 22.18
CA ARG A 383 -6.52 -32.07 22.68
C ARG A 383 -6.20 -30.59 22.86
N PRO A 384 -7.02 -29.68 22.34
CA PRO A 384 -6.80 -28.25 22.57
C PRO A 384 -6.63 -27.95 24.06
N ALA A 385 -5.69 -27.06 24.36
CA ALA A 385 -5.30 -26.71 25.72
C ALA A 385 -5.97 -25.42 26.18
N LEU A 386 -6.44 -25.41 27.43
CA LEU A 386 -7.02 -24.23 28.06
C LEU A 386 -6.15 -23.87 29.27
N VAL A 387 -5.59 -22.66 29.27
CA VAL A 387 -4.59 -22.28 30.27
C VAL A 387 -5.01 -20.97 30.93
N ARG A 388 -5.24 -21.00 32.23
CA ARG A 388 -5.58 -19.78 32.95
C ARG A 388 -4.29 -19.08 33.39
N MET A 389 -4.20 -17.78 33.09
CA MET A 389 -2.97 -17.01 33.28
C MET A 389 -3.18 -15.82 34.22
N PRO A 390 -2.28 -15.57 35.15
CA PRO A 390 -2.44 -14.41 36.05
C PRO A 390 -2.17 -13.07 35.38
N ALA A 391 -1.49 -13.07 34.25
CA ALA A 391 -1.09 -11.83 33.57
C ALA A 391 -0.74 -12.15 32.13
N GLN A 392 -0.68 -11.12 31.29
CA GLN A 392 -0.38 -11.30 29.87
C GLN A 392 1.14 -11.32 29.69
N THR A 393 1.74 -12.48 29.99
CA THR A 393 3.19 -12.60 30.02
C THR A 393 3.73 -12.91 28.64
N ALA A 394 5.05 -13.12 28.58
CA ALA A 394 5.75 -13.22 27.30
C ALA A 394 5.16 -14.31 26.40
N VAL A 395 4.85 -15.47 26.98
CA VAL A 395 4.39 -16.58 26.15
C VAL A 395 2.99 -16.31 25.58
N VAL A 396 2.17 -15.56 26.33
CA VAL A 396 0.84 -15.17 25.85
C VAL A 396 0.95 -14.23 24.66
N ARG A 397 1.92 -13.30 24.71
CA ARG A 397 2.06 -12.33 23.62
C ARG A 397 2.66 -12.94 22.38
N GLU A 398 3.27 -14.13 22.49
CA GLU A 398 3.79 -14.83 21.32
C GLU A 398 2.72 -15.71 20.69
N GLU A 399 2.66 -15.69 19.38
CA GLU A 399 1.76 -16.57 18.64
C GLU A 399 2.41 -17.94 18.53
N THR A 400 1.78 -18.95 19.15
CA THR A 400 2.11 -20.36 18.94
C THR A 400 1.02 -20.97 18.08
N PHE A 401 1.41 -21.55 16.94
CA PHE A 401 0.48 -22.05 15.92
C PHE A 401 -0.01 -23.43 16.35
N ALA A 402 -0.85 -23.43 17.39
CA ALA A 402 -1.35 -24.62 18.06
C ALA A 402 -2.61 -24.24 18.83
N PRO A 403 -3.48 -25.22 19.14
CA PRO A 403 -4.67 -24.86 19.94
C PRO A 403 -4.32 -24.68 21.42
N ILE A 404 -4.00 -23.44 21.77
CA ILE A 404 -3.80 -23.03 23.16
C ILE A 404 -4.65 -21.79 23.36
N LEU A 405 -5.55 -21.82 24.34
CA LEU A 405 -6.40 -20.68 24.66
C LEU A 405 -6.03 -20.20 26.06
N TYR A 406 -5.37 -19.04 26.13
CA TYR A 406 -5.02 -18.39 27.39
C TYR A 406 -6.19 -17.55 27.93
N VAL A 407 -6.51 -17.70 29.21
CA VAL A 407 -7.63 -16.99 29.83
C VAL A 407 -7.08 -15.94 30.78
N LEU A 408 -7.42 -14.67 30.50
CA LEU A 408 -7.05 -13.51 31.31
C LEU A 408 -8.31 -12.87 31.86
N THR A 409 -8.21 -12.26 33.04
CA THR A 409 -9.38 -11.60 33.62
C THR A 409 -9.22 -10.08 33.60
N TYR A 410 -10.36 -9.40 33.62
CA TYR A 410 -10.35 -7.94 33.64
C TYR A 410 -11.52 -7.41 34.46
N ARG A 411 -11.49 -6.10 34.72
CA ARG A 411 -12.57 -5.41 35.42
C ARG A 411 -13.19 -4.31 34.58
N ASP A 412 -12.42 -3.30 34.16
CA ASP A 412 -12.94 -2.20 33.36
C ASP A 412 -12.81 -2.52 31.87
N LEU A 413 -13.80 -2.09 31.08
CA LEU A 413 -13.75 -2.40 29.65
C LEU A 413 -12.49 -1.81 28.99
N ASP A 414 -12.08 -0.62 29.41
CA ASP A 414 -10.87 -0.04 28.82
C ASP A 414 -9.65 -0.91 29.09
N GLU A 415 -9.65 -1.63 30.22
CA GLU A 415 -8.56 -2.57 30.52
C GLU A 415 -8.60 -3.75 29.57
N ALA A 416 -9.80 -4.28 29.28
CA ALA A 416 -9.92 -5.37 28.31
C ALA A 416 -9.40 -4.95 26.94
N ILE A 417 -9.71 -3.70 26.54
CA ILE A 417 -9.26 -3.20 25.25
C ILE A 417 -7.74 -3.06 25.23
N ARG A 418 -7.16 -2.52 26.30
CA ARG A 418 -5.70 -2.45 26.39
C ARG A 418 -5.08 -3.84 26.30
N LEU A 419 -5.66 -4.82 26.99
CA LEU A 419 -5.13 -6.18 26.92
C LEU A 419 -5.24 -6.75 25.50
N ASN A 420 -6.37 -6.50 24.81
CA ASN A 420 -6.47 -6.93 23.42
C ASN A 420 -5.36 -6.32 22.56
N ASN A 421 -5.12 -5.01 22.72
CA ASN A 421 -4.23 -4.26 21.85
C ASN A 421 -2.74 -4.41 22.17
N GLU A 422 -2.39 -4.99 23.32
CA GLU A 422 -1.01 -5.00 23.81
C GLU A 422 -0.07 -5.86 22.97
N VAL A 423 -0.58 -6.79 22.17
CA VAL A 423 0.30 -7.73 21.48
C VAL A 423 0.85 -7.11 20.19
N PRO A 424 1.94 -7.65 19.63
CA PRO A 424 2.46 -7.10 18.38
C PRO A 424 1.61 -7.37 17.15
N GLN A 425 0.75 -8.39 17.17
CA GLN A 425 -0.08 -8.72 16.02
C GLN A 425 -1.37 -7.89 16.03
N GLY A 426 -2.12 -7.93 14.94
CA GLY A 426 -3.35 -7.15 14.89
C GLY A 426 -4.37 -7.63 13.87
N LEU A 427 -4.68 -8.93 13.87
CA LEU A 427 -5.53 -9.48 12.81
C LEU A 427 -7.01 -9.35 13.13
N SER A 428 -7.49 -10.08 14.13
CA SER A 428 -8.93 -10.09 14.40
C SER A 428 -9.21 -10.03 15.91
N ALA A 429 -10.40 -9.53 16.26
CA ALA A 429 -10.84 -9.42 17.65
C ALA A 429 -12.35 -9.57 17.73
N GLY A 430 -12.84 -10.04 18.87
CA GLY A 430 -14.28 -10.14 19.09
C GLY A 430 -14.65 -9.73 20.49
N ILE A 431 -15.92 -9.29 20.64
CA ILE A 431 -16.48 -9.05 21.97
C ILE A 431 -17.84 -9.70 22.08
N PHE A 432 -18.06 -10.41 23.19
CA PHE A 432 -19.34 -11.03 23.49
C PHE A 432 -20.01 -10.20 24.58
N THR A 433 -21.19 -9.65 24.26
CA THR A 433 -21.88 -8.73 25.14
C THR A 433 -23.32 -8.58 24.69
N ALA A 434 -24.23 -8.37 25.64
CA ALA A 434 -25.57 -7.91 25.34
C ALA A 434 -25.73 -6.40 25.51
N ASP A 435 -24.66 -5.68 25.82
CA ASP A 435 -24.75 -4.25 26.13
C ASP A 435 -24.43 -3.43 24.89
N GLN A 436 -25.37 -2.55 24.51
CA GLN A 436 -25.21 -1.73 23.31
C GLN A 436 -23.94 -0.88 23.38
N SER A 437 -23.69 -0.26 24.53
CA SER A 437 -22.55 0.63 24.69
C SER A 437 -21.22 -0.11 24.57
N GLU A 438 -21.11 -1.30 25.19
CA GLU A 438 -19.84 -1.99 25.16
C GLU A 438 -19.49 -2.47 23.77
N ALA A 439 -20.51 -2.88 22.99
CA ALA A 439 -20.24 -3.34 21.64
C ALA A 439 -19.74 -2.20 20.76
N GLU A 440 -20.33 -1.01 20.89
CA GLU A 440 -19.84 0.15 20.11
C GLU A 440 -18.47 0.60 20.58
N ARG A 441 -18.22 0.60 21.90
CA ARG A 441 -16.92 1.04 22.42
C ARG A 441 -15.79 0.13 21.93
N PHE A 442 -16.07 -1.17 21.80
CA PHE A 442 -15.07 -2.09 21.30
C PHE A 442 -14.70 -1.81 19.86
N LEU A 443 -15.66 -1.31 19.07
CA LEU A 443 -15.46 -1.06 17.65
C LEU A 443 -15.04 0.38 17.34
N ALA A 444 -15.02 1.25 18.33
CA ALA A 444 -14.71 2.67 18.16
C ALA A 444 -13.23 2.88 17.83
N PRO A 445 -12.85 4.08 17.39
CA PRO A 445 -11.43 4.33 17.06
C PRO A 445 -10.45 4.07 18.21
N ASP A 446 -10.88 4.25 19.47
CA ASP A 446 -10.06 3.88 20.62
C ASP A 446 -10.40 2.51 21.19
N GLY A 447 -11.04 1.65 20.41
CA GLY A 447 -11.39 0.27 20.78
C GLY A 447 -10.33 -0.71 20.33
N ALA A 448 -10.77 -1.90 19.91
CA ALA A 448 -9.84 -2.89 19.37
C ALA A 448 -9.14 -2.35 18.12
N ASP A 449 -7.83 -2.60 18.02
CA ASP A 449 -6.99 -2.01 16.97
C ASP A 449 -6.79 -2.90 15.75
N CYS A 450 -7.52 -4.01 15.65
CA CYS A 450 -7.27 -5.04 14.64
C CYS A 450 -7.95 -4.70 13.32
N GLY A 451 -7.57 -5.44 12.27
CA GLY A 451 -8.21 -5.27 10.97
C GLY A 451 -9.61 -5.84 10.90
N ILE A 452 -9.93 -6.80 11.76
CA ILE A 452 -11.25 -7.40 11.88
C ILE A 452 -11.69 -7.27 13.33
N ALA A 453 -12.88 -6.72 13.57
CA ALA A 453 -13.40 -6.57 14.94
C ALA A 453 -14.89 -6.87 14.94
N ASN A 454 -15.31 -7.88 15.71
CA ASN A 454 -16.64 -8.46 15.61
C ASN A 454 -17.37 -8.35 16.95
N VAL A 455 -18.71 -8.43 16.88
CA VAL A 455 -19.59 -8.44 18.04
C VAL A 455 -20.39 -9.74 18.04
N ASN A 456 -20.28 -10.50 19.14
CA ASN A 456 -20.97 -11.78 19.33
C ASN A 456 -20.64 -12.81 18.26
N ILE A 457 -19.39 -12.74 17.77
CA ILE A 457 -18.80 -13.66 16.83
C ILE A 457 -17.34 -13.79 17.21
N GLY A 458 -16.76 -14.97 16.98
CA GLY A 458 -15.35 -15.18 17.27
C GLY A 458 -14.43 -14.52 16.24
N THR A 459 -13.15 -14.87 16.36
CA THR A 459 -12.11 -14.23 15.58
C THR A 459 -11.90 -14.86 14.20
N SER A 460 -12.46 -16.05 13.92
CA SER A 460 -12.22 -16.75 12.67
C SER A 460 -13.51 -16.85 11.84
N GLY A 461 -13.37 -17.41 10.65
CA GLY A 461 -14.51 -17.68 9.80
C GLY A 461 -15.10 -16.50 9.06
N ALA A 462 -14.24 -15.61 8.54
CA ALA A 462 -14.68 -14.47 7.76
C ALA A 462 -15.40 -14.92 6.49
N GLU A 463 -16.25 -14.04 5.96
CA GLU A 463 -16.86 -14.29 4.66
C GLU A 463 -16.20 -13.44 3.57
N ILE A 464 -16.48 -13.81 2.32
CA ILE A 464 -15.73 -13.32 1.16
C ILE A 464 -15.99 -11.85 0.87
N GLY A 465 -17.15 -11.30 1.27
CA GLY A 465 -17.50 -9.95 0.88
C GLY A 465 -16.73 -8.82 1.57
N GLY A 466 -16.07 -9.11 2.69
CA GLY A 466 -15.32 -8.10 3.39
C GLY A 466 -13.85 -8.16 3.00
N ALA A 467 -13.15 -7.03 3.17
CA ALA A 467 -11.70 -7.05 3.04
C ALA A 467 -11.11 -7.82 4.21
N PHE A 468 -10.16 -8.71 3.91
CA PHE A 468 -9.54 -9.59 4.90
C PHE A 468 -8.06 -9.23 5.07
N GLY A 469 -7.65 -9.00 6.31
CA GLY A 469 -6.28 -8.68 6.62
C GLY A 469 -6.21 -7.93 7.94
N GLY A 470 -4.98 -7.59 8.34
CA GLY A 470 -4.76 -7.03 9.67
C GLY A 470 -3.68 -5.96 9.71
N GLU A 471 -3.43 -5.49 10.95
CA GLU A 471 -2.61 -4.31 11.22
C GLU A 471 -1.37 -4.73 12.04
N LYS A 472 -0.52 -3.75 12.35
CA LYS A 472 0.69 -3.94 13.19
C LYS A 472 1.55 -5.01 12.53
N GLU A 473 2.07 -6.01 13.25
CA GLU A 473 2.97 -6.99 12.65
C GLU A 473 2.25 -8.03 11.81
N THR A 474 0.92 -7.99 11.74
CA THR A 474 0.20 -8.80 10.76
C THR A 474 0.55 -8.38 9.33
N GLY A 475 0.90 -7.11 9.11
CA GLY A 475 1.52 -6.70 7.86
C GLY A 475 0.74 -5.70 7.02
N GLY A 476 -0.53 -5.46 7.31
CA GLY A 476 -1.25 -4.36 6.69
C GLY A 476 -1.97 -4.65 5.39
N GLY A 477 -1.76 -5.81 4.76
CA GLY A 477 -2.40 -6.07 3.49
C GLY A 477 -3.89 -6.36 3.64
N ARG A 478 -4.63 -6.19 2.54
CA ARG A 478 -6.03 -6.64 2.45
C ARG A 478 -6.23 -7.46 1.18
N GLU A 479 -6.97 -8.56 1.30
CA GLU A 479 -7.34 -9.39 0.15
C GLU A 479 -8.83 -9.74 0.22
N SER A 480 -9.30 -10.38 -0.84
CA SER A 480 -10.67 -10.87 -1.01
C SER A 480 -11.65 -9.75 -1.39
N GLY A 481 -12.49 -9.30 -0.45
CA GLY A 481 -13.65 -8.51 -0.78
C GLY A 481 -13.47 -6.99 -0.70
N SER A 482 -14.60 -6.31 -0.56
CA SER A 482 -14.71 -4.84 -0.68
C SER A 482 -13.93 -4.42 -1.94
N ASP A 483 -13.09 -3.38 -1.87
CA ASP A 483 -12.23 -2.97 -2.97
C ASP A 483 -10.77 -3.38 -2.76
N ALA A 484 -10.54 -4.54 -2.14
CA ALA A 484 -9.17 -5.07 -2.09
C ALA A 484 -8.59 -5.27 -3.49
N TRP A 485 -9.46 -5.39 -4.51
CA TRP A 485 -9.00 -5.58 -5.89
C TRP A 485 -8.08 -4.45 -6.36
N ARG A 486 -8.22 -3.24 -5.78
CA ARG A 486 -7.39 -2.11 -6.22
C ARG A 486 -5.91 -2.37 -6.05
N ALA A 487 -5.51 -3.24 -5.11
CA ALA A 487 -4.11 -3.59 -4.94
C ALA A 487 -3.55 -4.38 -6.12
N TYR A 488 -4.41 -4.87 -7.01
CA TYR A 488 -3.98 -5.67 -8.16
C TYR A 488 -3.93 -4.87 -9.45
N MET A 489 -4.15 -3.56 -9.38
CA MET A 489 -4.16 -2.70 -10.56
C MET A 489 -3.38 -1.43 -10.24
N ARG A 490 -3.12 -0.63 -11.28
CA ARG A 490 -2.47 0.66 -11.09
C ARG A 490 -3.45 1.78 -11.46
N ARG A 491 -3.48 2.81 -10.60
CA ARG A 491 -4.33 3.98 -10.79
C ARG A 491 -3.67 4.93 -11.78
N ALA A 492 -4.46 5.50 -12.69
CA ALA A 492 -3.99 6.60 -13.56
C ALA A 492 -4.95 7.77 -13.44
N THR A 493 -4.38 8.97 -13.34
CA THR A 493 -5.13 10.22 -13.35
C THR A 493 -4.98 10.88 -14.71
N ASN A 494 -6.09 11.08 -15.43
CA ASN A 494 -6.05 11.58 -16.81
C ASN A 494 -6.74 12.94 -16.91
N THR A 495 -5.97 13.96 -17.31
CA THR A 495 -6.53 15.27 -17.68
C THR A 495 -6.55 15.36 -19.21
N VAL A 496 -7.71 15.66 -19.76
CA VAL A 496 -7.92 15.72 -21.20
C VAL A 496 -8.33 17.15 -21.58
N ASN A 497 -7.51 17.81 -22.38
CA ASN A 497 -7.74 19.18 -22.83
C ASN A 497 -8.39 19.13 -24.20
N TYR A 498 -9.60 19.66 -24.32
CA TYR A 498 -10.23 19.83 -25.62
C TYR A 498 -10.42 21.28 -26.00
N SER A 499 -9.79 22.21 -25.27
CA SER A 499 -9.95 23.65 -25.48
C SER A 499 -9.04 24.20 -26.58
N GLY A 500 -8.02 23.47 -26.99
CA GLY A 500 -7.07 23.98 -27.95
C GLY A 500 -6.02 24.94 -27.41
N ARG A 501 -6.04 25.28 -26.12
CA ARG A 501 -5.05 26.23 -25.61
C ARG A 501 -4.52 25.80 -24.25
N VAL A 502 -3.46 26.48 -23.82
CA VAL A 502 -2.77 26.18 -22.57
C VAL A 502 -2.50 27.49 -21.86
N THR A 503 -2.45 27.44 -20.53
CA THR A 503 -1.97 28.58 -19.76
C THR A 503 -0.59 29.01 -20.24
N LEU A 504 -0.45 30.32 -20.51
CA LEU A 504 0.82 30.88 -20.97
C LEU A 504 1.60 31.37 -19.75
N ALA A 505 2.80 30.83 -19.58
CA ALA A 505 3.59 31.17 -18.41
C ALA A 505 4.01 32.63 -18.48
N GLN A 506 3.70 33.39 -17.42
CA GLN A 506 3.95 34.83 -17.35
C GLN A 506 3.26 35.59 -18.49
N GLY A 507 2.25 34.97 -19.11
CA GLY A 507 1.55 35.55 -20.23
C GLY A 507 2.25 35.47 -21.57
N VAL A 508 3.43 34.84 -21.64
CA VAL A 508 4.24 34.89 -22.86
C VAL A 508 3.77 33.83 -23.84
N ASP A 509 3.51 34.24 -25.08
CA ASP A 509 3.18 33.32 -26.18
C ASP A 509 4.41 33.14 -27.06
N PHE A 510 4.95 31.93 -27.10
CA PHE A 510 6.17 31.63 -27.85
C PHE A 510 5.89 31.21 -29.28
N SER A 511 4.68 31.45 -29.79
CA SER A 511 4.30 31.01 -31.13
C SER A 511 4.36 32.16 -32.15
N ALA B 5 19.39 44.10 -12.38
CA ALA B 5 20.19 43.70 -11.22
C ALA B 5 19.57 42.51 -10.51
N ILE B 6 20.33 41.91 -9.59
CA ILE B 6 19.85 40.83 -8.75
C ILE B 6 19.68 41.39 -7.34
N SER B 7 18.56 41.04 -6.69
CA SER B 7 18.33 41.45 -5.30
C SER B 7 19.57 41.24 -4.44
N GLY B 8 19.82 42.17 -3.54
CA GLY B 8 20.96 42.05 -2.65
C GLY B 8 20.68 41.09 -1.50
N THR B 9 21.74 40.46 -1.01
CA THR B 9 21.60 39.54 0.13
C THR B 9 21.02 40.26 1.34
N ASP B 10 21.43 41.52 1.58
CA ASP B 10 20.91 42.25 2.73
C ASP B 10 19.42 42.50 2.61
N GLU B 11 18.95 42.88 1.42
CA GLU B 11 17.52 43.08 1.21
C GLU B 11 16.76 41.76 1.34
N ILE B 12 17.32 40.66 0.81
CA ILE B 12 16.66 39.36 0.92
C ILE B 12 16.57 38.93 2.37
N ARG B 13 17.65 39.13 3.13
CA ARG B 13 17.65 38.76 4.54
C ARG B 13 16.57 39.51 5.30
N ALA B 14 16.42 40.83 5.04
CA ALA B 14 15.45 41.63 5.77
C ALA B 14 14.02 41.23 5.42
N ARG B 15 13.77 40.92 4.14
CA ARG B 15 12.44 40.44 3.74
C ARG B 15 12.11 39.13 4.44
N ALA B 16 13.09 38.22 4.53
CA ALA B 16 12.89 36.93 5.17
C ALA B 16 12.55 37.08 6.65
N GLU B 17 13.28 37.93 7.36
CA GLU B 17 12.99 38.18 8.77
C GLU B 17 11.62 38.83 8.94
N GLN B 18 11.23 39.72 8.03
CA GLN B 18 9.92 40.35 8.11
C GLN B 18 8.80 39.32 7.87
N ALA B 19 8.95 38.52 6.83
CA ALA B 19 7.97 37.45 6.56
C ALA B 19 7.81 36.53 7.76
N LEU B 20 8.93 36.12 8.36
CA LEU B 20 8.88 35.18 9.48
C LEU B 20 8.17 35.79 10.69
N THR B 21 8.52 37.02 11.07
CA THR B 21 7.88 37.60 12.25
C THR B 21 6.39 37.82 12.00
N ARG B 22 6.00 38.15 10.77
CA ARG B 22 4.59 38.38 10.48
C ARG B 22 3.78 37.09 10.53
N CYS B 23 4.39 35.96 10.24
CA CYS B 23 3.76 34.65 10.32
C CYS B 23 3.83 34.08 11.74
N GLY B 24 4.34 34.83 12.70
CA GLY B 24 4.31 34.40 14.09
C GLY B 24 5.55 33.71 14.60
N VAL B 25 6.63 33.69 13.82
CA VAL B 25 7.87 33.07 14.26
C VAL B 25 8.59 33.99 15.24
N ASP B 26 9.10 33.43 16.33
CA ASP B 26 9.93 34.15 17.29
C ASP B 26 11.38 33.95 16.87
N LEU B 27 11.96 34.98 16.23
CA LEU B 27 13.30 34.84 15.67
C LEU B 27 14.33 34.48 16.73
N THR B 28 14.16 34.99 17.95
CA THR B 28 15.13 34.69 19.01
C THR B 28 15.15 33.21 19.36
N ALA B 29 13.99 32.57 19.39
CA ALA B 29 13.93 31.17 19.77
C ALA B 29 14.50 30.24 18.70
N VAL B 30 14.46 30.63 17.43
CA VAL B 30 14.87 29.73 16.35
C VAL B 30 16.30 29.97 15.86
N LYS B 31 16.86 31.16 16.12
CA LYS B 31 18.22 31.44 15.66
C LYS B 31 19.25 30.69 16.49
N GLY B 32 20.37 30.37 15.86
CA GLY B 32 21.41 29.60 16.50
C GLY B 32 22.64 29.56 15.64
N ASP B 33 23.46 28.54 15.83
CA ASP B 33 24.68 28.42 15.04
C ASP B 33 24.92 27.01 14.52
N ALA B 34 23.95 26.11 14.61
CA ALA B 34 24.15 24.74 14.16
C ALA B 34 23.90 24.57 12.66
N LEU B 35 22.91 25.29 12.12
CA LEU B 35 22.58 25.26 10.71
C LEU B 35 22.44 26.69 10.21
N THR B 36 22.38 26.86 8.90
CA THR B 36 22.21 28.18 8.31
C THR B 36 21.10 28.15 7.28
N ALA B 37 20.28 29.18 7.27
CA ALA B 37 19.38 29.42 6.16
C ALA B 37 20.16 30.08 5.02
N ARG B 38 19.66 29.90 3.80
CA ARG B 38 20.40 30.36 2.63
C ARG B 38 19.40 30.83 1.59
N THR B 39 19.92 31.35 0.47
CA THR B 39 19.07 31.72 -0.66
C THR B 39 19.75 31.40 -1.98
N PRO B 40 19.09 30.66 -2.89
CA PRO B 40 19.67 30.44 -4.22
C PRO B 40 19.77 31.71 -5.06
N LEU B 41 19.13 32.81 -4.66
CA LEU B 41 19.12 34.04 -5.46
C LEU B 41 20.53 34.63 -5.57
N THR B 42 21.30 34.55 -4.50
CA THR B 42 22.68 35.01 -4.48
C THR B 42 23.65 33.92 -4.05
N GLY B 43 23.14 32.80 -3.54
CA GLY B 43 23.96 31.76 -2.97
C GLY B 43 24.39 32.01 -1.55
N ALA B 44 24.02 33.12 -0.96
CA ALA B 44 24.57 33.51 0.33
C ALA B 44 23.79 32.88 1.48
N ASP B 45 24.50 32.73 2.60
CA ASP B 45 23.87 32.38 3.86
C ASP B 45 23.10 33.58 4.41
N LEU B 46 21.93 33.31 4.99
CA LEU B 46 21.08 34.35 5.54
C LEU B 46 21.38 34.57 7.02
N PHE B 47 21.20 33.54 7.83
CA PHE B 47 21.54 33.59 9.26
C PHE B 47 21.49 32.18 9.81
N GLY B 48 22.08 32.01 11.02
CA GLY B 48 22.17 30.70 11.63
C GLY B 48 20.93 30.28 12.41
N LEU B 49 20.72 28.98 12.49
CA LEU B 49 19.56 28.41 13.15
C LEU B 49 19.97 27.38 14.20
N ARG B 50 19.16 27.29 15.26
CA ARG B 50 19.16 26.13 16.12
C ARG B 50 18.79 24.87 15.34
N ALA B 51 19.34 23.75 15.77
CA ALA B 51 19.04 22.45 15.16
C ALA B 51 18.59 21.48 16.25
N GLN B 52 17.83 20.48 15.81
CA GLN B 52 17.38 19.42 16.70
C GLN B 52 18.30 18.21 16.59
N THR B 53 18.34 17.45 17.67
CA THR B 53 19.09 16.20 17.77
C THR B 53 18.15 15.02 17.54
N PRO B 54 18.69 13.82 17.34
CA PRO B 54 17.82 12.64 17.28
C PRO B 54 17.01 12.44 18.54
N GLU B 55 17.58 12.80 19.70
CA GLU B 55 16.79 12.74 20.93
C GLU B 55 15.65 13.75 20.91
N ASP B 56 15.84 14.90 20.25
CA ASP B 56 14.71 15.82 20.05
C ASP B 56 13.62 15.19 19.19
N VAL B 57 14.01 14.41 18.17
CA VAL B 57 13.03 13.73 17.33
C VAL B 57 12.18 12.77 18.16
N ASP B 58 12.83 11.96 18.99
CA ASP B 58 12.08 11.02 19.83
C ASP B 58 11.13 11.76 20.77
N ARG B 59 11.57 12.89 21.32
CA ARG B 59 10.69 13.68 22.17
C ARG B 59 9.51 14.26 21.38
N ALA B 60 9.77 14.68 20.14
CA ALA B 60 8.70 15.22 19.32
C ALA B 60 7.68 14.16 18.96
N VAL B 61 8.13 12.94 18.66
CA VAL B 61 7.22 11.84 18.36
C VAL B 61 6.35 11.51 19.57
N GLU B 62 6.94 11.54 20.77
CA GLU B 62 6.15 11.18 21.95
C GLU B 62 5.08 12.22 22.22
N ALA B 63 5.40 13.50 22.00
CA ALA B 63 4.42 14.56 22.14
C ALA B 63 3.34 14.47 21.07
N ALA B 64 3.73 14.13 19.83
CA ALA B 64 2.73 13.93 18.78
C ALA B 64 1.85 12.73 19.08
N HIS B 65 2.42 11.66 19.67
CA HIS B 65 1.61 10.50 20.00
C HIS B 65 0.65 10.81 21.13
N THR B 66 1.09 11.59 22.13
CA THR B 66 0.19 11.97 23.20
C THR B 66 -0.97 12.82 22.66
N ALA B 67 -0.67 13.74 21.73
CA ALA B 67 -1.75 14.53 21.14
C ALA B 67 -2.70 13.66 20.32
N PHE B 68 -2.15 12.65 19.63
CA PHE B 68 -2.96 11.73 18.83
C PHE B 68 -3.98 10.99 19.68
N LEU B 69 -3.62 10.63 20.92
CA LEU B 69 -4.58 9.94 21.77
C LEU B 69 -5.82 10.79 22.01
N THR B 70 -5.68 12.12 22.04
CA THR B 70 -6.86 12.98 22.17
C THR B 70 -7.52 13.26 20.83
N TRP B 71 -6.72 13.50 19.79
CA TRP B 71 -7.25 13.93 18.50
C TRP B 71 -8.08 12.83 17.85
N ARG B 72 -7.71 11.57 18.05
CA ARG B 72 -8.38 10.49 17.32
C ARG B 72 -9.81 10.25 17.78
N THR B 73 -10.20 10.75 18.96
CA THR B 73 -11.60 10.71 19.38
C THR B 73 -12.29 12.05 19.25
N THR B 74 -11.60 13.06 18.73
CA THR B 74 -12.23 14.33 18.37
C THR B 74 -12.99 14.16 17.07
N PRO B 75 -14.29 14.46 17.02
CA PRO B 75 -15.07 14.19 15.79
C PRO B 75 -14.43 14.83 14.56
N ALA B 76 -14.36 14.07 13.46
CA ALA B 76 -13.71 14.59 12.26
C ALA B 76 -14.22 15.96 11.83
N PRO B 77 -15.52 16.26 11.88
CA PRO B 77 -15.95 17.62 11.52
C PRO B 77 -15.35 18.69 12.42
N VAL B 78 -15.12 18.35 13.70
CA VAL B 78 -14.43 19.29 14.60
C VAL B 78 -12.96 19.40 14.20
N ARG B 79 -12.33 18.29 13.81
CA ARG B 79 -10.96 18.36 13.27
C ARG B 79 -10.92 19.22 12.01
N GLY B 80 -11.95 19.13 11.15
CA GLY B 80 -12.02 19.98 9.97
C GLY B 80 -12.11 21.45 10.30
N ALA B 81 -12.78 21.80 11.41
CA ALA B 81 -12.86 23.20 11.79
C ALA B 81 -11.48 23.80 12.00
N LEU B 82 -10.56 23.01 12.57
CA LEU B 82 -9.19 23.51 12.74
C LEU B 82 -8.53 23.77 11.39
N VAL B 83 -8.71 22.85 10.43
CA VAL B 83 -8.09 23.03 9.12
C VAL B 83 -8.72 24.19 8.36
N LYS B 84 -10.01 24.47 8.58
CA LYS B 84 -10.61 25.67 7.97
C LYS B 84 -9.97 26.92 8.54
N ARG B 85 -9.73 26.97 9.85
CA ARG B 85 -9.07 28.12 10.45
C ARG B 85 -7.65 28.28 9.92
N PHE B 86 -6.95 27.16 9.72
CA PHE B 86 -5.60 27.24 9.15
C PHE B 86 -5.64 27.83 7.75
N GLY B 87 -6.58 27.39 6.91
CA GLY B 87 -6.70 27.98 5.57
C GLY B 87 -6.93 29.48 5.59
N GLU B 88 -7.71 29.97 6.57
CA GLU B 88 -7.94 31.42 6.71
C GLU B 88 -6.65 32.17 7.03
N LEU B 89 -5.85 31.63 7.96
CA LEU B 89 -4.57 32.24 8.29
C LEU B 89 -3.60 32.20 7.11
N LEU B 90 -3.61 31.10 6.35
CA LEU B 90 -2.78 31.05 5.14
C LEU B 90 -3.20 32.12 4.15
N THR B 91 -4.52 32.28 3.94
CA THR B 91 -5.00 33.36 3.08
C THR B 91 -4.52 34.70 3.59
N GLU B 92 -4.59 34.91 4.90
CA GLU B 92 -4.16 36.17 5.50
C GLU B 92 -2.68 36.45 5.23
N HIS B 93 -1.85 35.41 5.21
CA HIS B 93 -0.40 35.62 5.11
C HIS B 93 0.17 35.09 3.81
N LYS B 94 -0.65 35.03 2.75
CA LYS B 94 -0.25 34.40 1.49
C LYS B 94 1.02 35.03 0.93
N GLN B 95 1.12 36.36 0.98
CA GLN B 95 2.26 37.04 0.36
C GLN B 95 3.52 36.85 1.18
N ASP B 96 3.39 36.89 2.51
CA ASP B 96 4.53 36.66 3.40
C ASP B 96 5.12 35.28 3.16
N LEU B 97 4.25 34.26 3.09
CA LEU B 97 4.74 32.90 2.91
C LEU B 97 5.34 32.72 1.51
N ALA B 98 4.70 33.32 0.50
CA ALA B 98 5.23 33.24 -0.87
C ALA B 98 6.61 33.87 -0.96
N ASP B 99 6.86 34.96 -0.21
CA ASP B 99 8.19 35.57 -0.22
C ASP B 99 9.25 34.59 0.28
N LEU B 100 8.94 33.86 1.35
CA LEU B 100 9.88 32.86 1.85
C LEU B 100 10.07 31.72 0.85
N VAL B 101 9.02 31.35 0.11
CA VAL B 101 9.19 30.31 -0.88
C VAL B 101 10.15 30.77 -1.99
N THR B 102 9.97 32.01 -2.48
CA THR B 102 10.90 32.52 -3.48
C THR B 102 12.32 32.57 -2.92
N ILE B 103 12.45 33.05 -1.69
CA ILE B 103 13.79 33.26 -1.10
C ILE B 103 14.54 31.93 -0.96
N GLU B 104 13.85 30.87 -0.53
CA GLU B 104 14.56 29.62 -0.23
C GLU B 104 14.60 28.65 -1.40
N ALA B 105 13.52 28.57 -2.19
CA ALA B 105 13.49 27.63 -3.29
C ALA B 105 13.95 28.26 -4.60
N GLY B 106 14.00 29.59 -4.66
CA GLY B 106 14.37 30.28 -5.89
C GLY B 106 13.31 30.33 -6.95
N LYS B 107 12.06 29.99 -6.64
CA LYS B 107 11.05 29.98 -7.70
C LYS B 107 10.43 31.35 -7.86
N ILE B 108 9.95 31.63 -9.08
CA ILE B 108 9.44 32.98 -9.39
C ILE B 108 8.20 33.28 -8.54
N ARG B 109 7.94 34.59 -8.37
CA ARG B 109 6.86 35.05 -7.50
C ARG B 109 5.53 34.38 -7.83
N SER B 110 5.17 34.34 -9.11
CA SER B 110 3.87 33.80 -9.47
C SER B 110 3.73 32.32 -9.06
N GLU B 111 4.81 31.54 -9.19
CA GLU B 111 4.77 30.14 -8.78
C GLU B 111 4.75 29.99 -7.26
N ALA B 112 5.50 30.84 -6.55
CA ALA B 112 5.46 30.84 -5.10
C ALA B 112 4.07 31.15 -4.58
N LEU B 113 3.40 32.13 -5.19
CA LEU B 113 2.02 32.44 -4.82
C LEU B 113 1.09 31.27 -5.15
N GLY B 114 1.28 30.66 -6.32
CA GLY B 114 0.48 29.49 -6.66
C GLY B 114 0.68 28.35 -5.68
N GLU B 115 1.91 28.16 -5.19
CA GLU B 115 2.14 27.07 -4.24
C GLU B 115 1.42 27.31 -2.92
N VAL B 116 1.42 28.56 -2.43
CA VAL B 116 0.69 28.85 -1.20
C VAL B 116 -0.81 28.68 -1.43
N GLN B 117 -1.30 29.09 -2.61
CA GLN B 117 -2.72 28.89 -2.91
C GLN B 117 -3.10 27.42 -2.95
N GLU B 118 -2.18 26.54 -3.38
CA GLU B 118 -2.41 25.09 -3.31
C GLU B 118 -2.69 24.66 -1.86
N MET B 119 -1.93 25.21 -0.91
CA MET B 119 -2.17 24.89 0.51
C MET B 119 -3.58 25.28 0.92
N ILE B 120 -4.04 26.47 0.50
CA ILE B 120 -5.38 26.94 0.84
C ILE B 120 -6.43 26.04 0.22
N ASP B 121 -6.24 25.67 -1.06
CA ASP B 121 -7.19 24.81 -1.74
C ASP B 121 -7.26 23.43 -1.09
N ILE B 122 -6.12 22.86 -0.65
CA ILE B 122 -6.21 21.54 -0.03
C ILE B 122 -6.85 21.63 1.36
N CYS B 123 -6.69 22.76 2.07
CA CYS B 123 -7.45 22.97 3.30
C CYS B 123 -8.94 22.91 3.03
N ASP B 124 -9.42 23.66 2.03
CA ASP B 124 -10.84 23.63 1.65
C ASP B 124 -11.30 22.21 1.29
N PHE B 125 -10.51 21.49 0.50
CA PHE B 125 -10.86 20.11 0.15
C PHE B 125 -10.95 19.22 1.38
N ALA B 126 -9.99 19.37 2.31
CA ALA B 126 -9.96 18.54 3.52
C ALA B 126 -11.14 18.83 4.43
N VAL B 127 -11.62 20.07 4.45
CA VAL B 127 -12.81 20.40 5.23
C VAL B 127 -14.00 19.58 4.74
N GLY B 128 -14.12 19.45 3.42
CA GLY B 128 -15.17 18.60 2.86
C GLY B 128 -14.96 17.13 3.19
N LEU B 129 -13.70 16.66 3.12
CA LEU B 129 -13.41 15.27 3.46
C LEU B 129 -13.80 14.95 4.91
N SER B 130 -13.75 15.94 5.79
CA SER B 130 -13.95 15.69 7.21
C SER B 130 -15.35 15.18 7.51
N ARG B 131 -16.29 15.37 6.59
CA ARG B 131 -17.63 14.80 6.74
C ARG B 131 -17.83 13.57 5.85
N GLN B 132 -16.76 13.05 5.26
CA GLN B 132 -16.90 11.91 4.38
C GLN B 132 -16.08 10.73 4.87
N LEU B 133 -14.79 10.70 4.57
CA LEU B 133 -13.92 9.60 4.96
C LEU B 133 -14.66 8.26 4.86
N TYR B 134 -15.24 8.01 3.69
CA TYR B 134 -16.30 7.00 3.58
C TYR B 134 -15.75 5.57 3.64
N GLY B 135 -16.35 4.76 4.52
CA GLY B 135 -16.32 3.32 4.42
C GLY B 135 -17.59 2.81 3.77
N ARG B 136 -17.92 1.54 4.05
CA ARG B 136 -19.04 0.88 3.38
C ARG B 136 -19.90 0.10 4.37
N THR B 137 -21.18 -0.07 4.01
CA THR B 137 -22.03 -1.07 4.63
C THR B 137 -22.44 -2.05 3.52
N MET B 138 -22.58 -3.33 3.84
CA MET B 138 -22.82 -4.33 2.80
C MET B 138 -23.52 -5.54 3.41
N PRO B 139 -24.16 -6.38 2.61
CA PRO B 139 -24.83 -7.56 3.16
C PRO B 139 -23.84 -8.61 3.64
N THR B 140 -24.30 -9.45 4.56
CA THR B 140 -23.58 -10.64 5.00
C THR B 140 -24.39 -11.86 4.62
N GLU B 141 -23.71 -12.99 4.47
CA GLU B 141 -24.42 -14.22 4.13
C GLU B 141 -25.10 -14.86 5.33
N ARG B 142 -24.95 -14.28 6.53
CA ARG B 142 -25.50 -14.94 7.71
C ARG B 142 -26.75 -14.23 8.19
N PRO B 143 -27.82 -14.98 8.48
CA PRO B 143 -29.06 -14.35 8.97
C PRO B 143 -28.85 -13.67 10.30
N GLY B 144 -29.51 -12.53 10.49
CA GLY B 144 -29.43 -11.82 11.76
C GLY B 144 -28.05 -11.28 12.07
N HIS B 145 -27.27 -10.97 11.04
CA HIS B 145 -25.94 -10.38 11.16
C HIS B 145 -25.91 -9.12 10.31
N ARG B 146 -24.98 -8.22 10.64
CA ARG B 146 -24.73 -7.01 9.86
C ARG B 146 -23.23 -6.90 9.61
N LEU B 147 -22.86 -6.29 8.47
CA LEU B 147 -21.45 -6.18 8.07
C LEU B 147 -21.17 -4.76 7.61
N MET B 148 -20.04 -4.21 8.04
CA MET B 148 -19.63 -2.90 7.57
C MET B 148 -18.11 -2.82 7.56
N GLU B 149 -17.61 -1.77 6.91
CA GLU B 149 -16.20 -1.45 6.87
C GLU B 149 -16.04 -0.02 7.36
N THR B 150 -15.21 0.18 8.39
CA THR B 150 -15.02 1.49 8.99
C THR B 150 -13.55 1.89 8.83
N TRP B 151 -13.28 3.19 8.96
CA TRP B 151 -11.94 3.76 8.83
C TRP B 151 -11.59 4.53 10.10
N HIS B 152 -10.40 4.29 10.65
CA HIS B 152 -9.98 4.87 11.92
C HIS B 152 -8.65 5.61 11.82
N PRO B 153 -8.43 6.63 12.66
CA PRO B 153 -7.13 7.31 12.67
C PRO B 153 -5.97 6.34 12.94
N LEU B 154 -4.85 6.56 12.25
CA LEU B 154 -3.70 5.66 12.29
C LEU B 154 -2.71 5.99 13.40
N GLY B 155 -2.26 7.23 13.49
CA GLY B 155 -1.26 7.58 14.48
C GLY B 155 -0.40 8.75 14.00
N VAL B 156 0.87 8.73 14.41
CA VAL B 156 1.79 9.81 14.07
C VAL B 156 2.30 9.62 12.65
N VAL B 157 2.24 10.69 11.86
CA VAL B 157 2.66 10.69 10.47
C VAL B 157 3.98 11.47 10.38
N GLY B 158 5.02 10.82 9.86
CA GLY B 158 6.27 11.51 9.58
C GLY B 158 6.27 12.00 8.14
N VAL B 159 6.60 13.28 7.95
CA VAL B 159 6.58 13.93 6.63
C VAL B 159 7.99 14.40 6.31
N ILE B 160 8.52 13.95 5.18
CA ILE B 160 9.82 14.37 4.67
C ILE B 160 9.61 15.05 3.32
N SER B 161 9.93 16.34 3.24
CA SER B 161 9.74 17.10 2.00
C SER B 161 11.07 17.60 1.44
N ALA B 162 11.01 18.11 0.21
CA ALA B 162 12.17 18.53 -0.56
C ALA B 162 12.22 20.05 -0.68
N PHE B 163 13.31 20.54 -1.27
CA PHE B 163 13.47 21.99 -1.38
C PHE B 163 12.51 22.59 -2.40
N ASN B 164 12.08 21.81 -3.39
CA ASN B 164 11.50 22.39 -4.59
C ASN B 164 10.02 22.72 -4.43
N PHE B 165 9.30 22.02 -3.56
CA PHE B 165 7.95 22.41 -3.13
C PHE B 165 7.93 22.45 -1.61
N PRO B 166 8.46 23.53 -1.01
CA PRO B 166 8.72 23.53 0.43
C PRO B 166 7.51 23.72 1.31
N VAL B 167 6.33 24.06 0.77
CA VAL B 167 5.15 24.22 1.63
C VAL B 167 3.94 23.39 1.18
N ALA B 168 3.77 23.20 -0.14
CA ALA B 168 2.53 22.54 -0.60
C ALA B 168 2.53 21.05 -0.33
N VAL B 169 3.69 20.38 -0.44
CA VAL B 169 3.75 18.94 -0.16
C VAL B 169 3.38 18.67 1.29
N TRP B 170 3.98 19.43 2.23
CA TRP B 170 3.59 19.26 3.63
C TRP B 170 2.11 19.60 3.84
N ALA B 171 1.59 20.60 3.11
CA ALA B 171 0.17 20.92 3.27
C ALA B 171 -0.73 19.78 2.80
N TRP B 172 -0.43 19.18 1.64
CA TRP B 172 -1.18 17.98 1.22
C TRP B 172 -1.24 16.98 2.35
N ASN B 173 -0.11 16.72 2.98
CA ASN B 173 -0.02 15.65 3.97
C ASN B 173 -0.69 16.04 5.28
N ALA B 174 -0.46 17.29 5.73
CA ALA B 174 -0.93 17.73 7.04
C ALA B 174 -2.42 18.00 7.05
N ALA B 175 -2.95 18.65 6.01
CA ALA B 175 -4.39 18.91 5.97
C ALA B 175 -5.19 17.61 5.96
N VAL B 176 -4.79 16.66 5.11
CA VAL B 176 -5.47 15.37 5.05
C VAL B 176 -5.26 14.59 6.36
N ALA B 177 -4.02 14.51 6.84
CA ALA B 177 -3.74 13.73 8.05
C ALA B 177 -4.48 14.27 9.26
N LEU B 178 -4.52 15.60 9.41
CA LEU B 178 -5.20 16.16 10.58
C LEU B 178 -6.70 15.85 10.57
N VAL B 179 -7.35 15.94 9.42
CA VAL B 179 -8.78 15.65 9.42
C VAL B 179 -9.02 14.16 9.57
N CYS B 180 -8.03 13.33 9.24
CA CYS B 180 -8.11 11.88 9.42
C CYS B 180 -7.80 11.45 10.85
N GLY B 181 -7.57 12.38 11.77
CA GLY B 181 -7.32 12.05 13.16
C GLY B 181 -5.87 11.79 13.49
N ASP B 182 -4.95 12.00 12.56
CA ASP B 182 -3.52 11.79 12.75
C ASP B 182 -2.86 13.06 13.30
N THR B 183 -1.62 12.91 13.77
CA THR B 183 -0.74 14.03 14.09
C THR B 183 0.50 13.92 13.20
N VAL B 184 1.32 14.98 13.16
CA VAL B 184 2.36 15.12 12.14
C VAL B 184 3.67 15.51 12.79
N VAL B 185 4.76 14.84 12.41
CA VAL B 185 6.12 15.32 12.65
C VAL B 185 6.77 15.57 11.30
N TRP B 186 7.24 16.79 11.09
CA TRP B 186 7.70 17.25 9.78
C TRP B 186 9.20 17.48 9.79
N LYS B 187 9.90 16.84 8.86
CA LYS B 187 11.31 17.09 8.63
C LYS B 187 11.48 17.75 7.26
N PRO B 188 11.55 19.07 7.18
CA PRO B 188 11.72 19.73 5.89
C PRO B 188 13.16 19.59 5.38
N SER B 189 13.32 19.90 4.09
CA SER B 189 14.66 19.93 3.49
C SER B 189 15.58 20.83 4.29
N GLU B 190 16.83 20.39 4.45
CA GLU B 190 17.80 21.26 5.11
C GLU B 190 18.06 22.53 4.32
N LEU B 191 17.67 22.55 3.04
CA LEU B 191 17.81 23.75 2.22
C LEU B 191 16.71 24.78 2.43
N THR B 192 15.56 24.40 3.03
CA THR B 192 14.41 25.30 3.11
C THR B 192 13.74 25.24 4.48
N PRO B 193 14.49 25.49 5.57
CA PRO B 193 13.84 25.44 6.90
C PRO B 193 12.95 26.64 7.21
N LEU B 194 13.18 27.81 6.59
CA LEU B 194 12.43 29.00 7.02
C LEU B 194 10.97 28.90 6.63
N THR B 195 10.68 28.40 5.42
CA THR B 195 9.30 28.18 5.01
C THR B 195 8.57 27.30 6.03
N ALA B 196 9.25 26.24 6.49
CA ALA B 196 8.60 25.30 7.41
C ALA B 196 8.33 25.93 8.77
N LEU B 197 9.28 26.73 9.27
CA LEU B 197 9.05 27.44 10.53
C LEU B 197 7.84 28.36 10.43
N ALA B 198 7.72 29.10 9.32
CA ALA B 198 6.57 29.97 9.14
C ALA B 198 5.27 29.17 9.11
N CYS B 199 5.24 28.10 8.31
CA CYS B 199 4.05 27.26 8.23
C CYS B 199 3.61 26.76 9.59
N ALA B 200 4.58 26.28 10.39
CA ALA B 200 4.26 25.69 11.68
C ALA B 200 3.76 26.72 12.66
N ALA B 201 4.30 27.95 12.60
CA ALA B 201 3.83 29.00 13.49
C ALA B 201 2.39 29.41 13.18
N LEU B 202 2.04 29.48 11.90
CA LEU B 202 0.65 29.76 11.52
C LEU B 202 -0.28 28.65 11.96
N LEU B 203 0.12 27.38 11.77
CA LEU B 203 -0.72 26.28 12.23
C LEU B 203 -0.84 26.28 13.76
N ASP B 204 0.25 26.62 14.48
CA ASP B 204 0.16 26.68 15.94
C ASP B 204 -0.83 27.76 16.40
N LEU B 205 -0.91 28.89 15.69
CA LEU B 205 -1.93 29.88 15.98
C LEU B 205 -3.35 29.33 15.77
N ALA B 206 -3.57 28.63 14.66
CA ALA B 206 -4.88 28.01 14.43
C ALA B 206 -5.20 27.00 15.54
N ILE B 207 -4.20 26.24 15.98
CA ILE B 207 -4.39 25.26 17.06
C ILE B 207 -4.81 25.97 18.34
N ALA B 208 -4.14 27.08 18.66
CA ALA B 208 -4.52 27.86 19.84
C ALA B 208 -5.93 28.39 19.72
N ASP B 209 -6.29 28.93 18.56
CA ASP B 209 -7.63 29.46 18.34
C ASP B 209 -8.70 28.40 18.51
N ALA B 210 -8.37 27.15 18.22
CA ALA B 210 -9.33 26.05 18.28
C ALA B 210 -9.36 25.33 19.63
N GLY B 211 -8.45 25.66 20.55
CA GLY B 211 -8.33 24.87 21.76
C GLY B 211 -7.83 23.46 21.54
N ALA B 212 -7.24 23.18 20.37
CA ALA B 212 -6.79 21.83 20.01
C ALA B 212 -5.53 21.48 20.78
N PRO B 213 -5.11 20.22 20.75
CA PRO B 213 -3.86 19.84 21.44
C PRO B 213 -2.62 20.43 20.78
N LYS B 214 -1.66 20.86 21.61
CA LYS B 214 -0.47 21.55 21.09
C LYS B 214 0.41 20.65 20.23
N GLY B 215 0.41 19.34 20.49
CA GLY B 215 1.32 18.49 19.72
C GLY B 215 0.79 17.97 18.40
N LEU B 216 -0.20 18.64 17.78
CA LEU B 216 -0.74 18.10 16.53
C LEU B 216 0.26 18.16 15.39
N ASN B 217 1.15 19.16 15.38
CA ASN B 217 2.16 19.31 14.34
C ASN B 217 3.43 19.88 14.94
N GLN B 218 4.57 19.31 14.56
CA GLN B 218 5.87 19.80 14.98
C GLN B 218 6.88 19.70 13.84
N VAL B 219 7.78 20.68 13.78
CA VAL B 219 8.86 20.69 12.80
C VAL B 219 10.16 20.36 13.52
N VAL B 220 10.96 19.48 12.92
CA VAL B 220 12.30 19.17 13.41
C VAL B 220 13.29 19.61 12.35
N VAL B 221 14.11 20.59 12.69
CA VAL B 221 15.14 21.13 11.82
C VAL B 221 16.46 20.42 12.14
N GLY B 222 17.14 19.93 11.12
CA GLY B 222 18.36 19.19 11.36
C GLY B 222 18.90 18.58 10.08
N ALA B 223 19.95 17.78 10.23
CA ALA B 223 20.62 17.14 9.12
C ALA B 223 20.09 15.71 8.93
N ALA B 224 20.87 14.86 8.25
CA ALA B 224 20.40 13.53 7.89
C ALA B 224 20.06 12.68 9.11
N ASP B 225 20.81 12.82 10.20
CA ASP B 225 20.58 11.96 11.36
C ASP B 225 19.21 12.21 11.97
N VAL B 226 18.69 13.43 11.82
CA VAL B 226 17.35 13.75 12.32
C VAL B 226 16.29 13.04 11.47
N GLY B 227 16.49 13.02 10.15
CA GLY B 227 15.53 12.33 9.30
C GLY B 227 15.52 10.83 9.52
N GLU B 228 16.70 10.24 9.79
CA GLU B 228 16.75 8.79 9.94
C GLU B 228 16.05 8.36 11.22
N ARG B 229 16.16 9.14 12.29
CA ARG B 229 15.49 8.79 13.54
C ARG B 229 13.98 8.85 13.37
N LEU B 230 13.49 9.81 12.58
CA LEU B 230 12.07 9.86 12.28
C LEU B 230 11.62 8.62 11.51
N VAL B 231 12.35 8.30 10.44
CA VAL B 231 12.04 7.14 9.60
C VAL B 231 12.01 5.86 10.43
N ASP B 232 12.91 5.72 11.41
CA ASP B 232 13.05 4.48 12.17
C ASP B 232 12.14 4.39 13.39
N SER B 233 11.37 5.42 13.71
CA SER B 233 10.59 5.38 14.96
C SER B 233 9.51 4.29 14.93
N PRO B 234 9.46 3.40 15.92
CA PRO B 234 8.35 2.44 15.99
C PRO B 234 7.00 3.05 16.32
N ARG B 235 6.93 4.33 16.71
CA ARG B 235 5.67 5.00 16.95
C ARG B 235 5.21 5.84 15.75
N VAL B 236 5.83 5.67 14.58
CA VAL B 236 5.43 6.41 13.38
C VAL B 236 4.90 5.42 12.36
N PRO B 237 3.60 5.14 12.33
CA PRO B 237 3.09 4.08 11.44
C PRO B 237 3.05 4.45 9.97
N LEU B 238 3.13 5.73 9.62
CA LEU B 238 3.14 6.16 8.22
C LEU B 238 4.27 7.18 8.02
N VAL B 239 5.10 6.95 7.00
CA VAL B 239 6.11 7.93 6.59
C VAL B 239 5.79 8.34 5.15
N SER B 240 5.65 9.64 4.92
CA SER B 240 5.43 10.18 3.58
C SER B 240 6.70 10.91 3.16
N ALA B 241 7.31 10.47 2.06
CA ALA B 241 8.57 11.04 1.60
C ALA B 241 8.45 11.43 0.13
N THR B 242 8.68 12.70 -0.15
CA THR B 242 8.52 13.28 -1.49
C THR B 242 9.82 13.93 -1.92
N GLY B 243 10.25 13.65 -3.15
CA GLY B 243 11.48 14.19 -3.68
C GLY B 243 12.62 13.20 -3.73
N ALA B 250 15.88 4.61 0.38
CA ALA B 250 16.19 3.92 1.63
C ALA B 250 14.96 3.82 2.50
N VAL B 251 14.07 4.81 2.39
CA VAL B 251 12.89 4.89 3.25
C VAL B 251 12.02 3.64 3.11
N GLY B 252 11.71 3.25 1.88
CA GLY B 252 10.79 2.17 1.60
C GLY B 252 11.07 0.88 2.35
N PRO B 253 12.25 0.27 2.11
CA PRO B 253 12.55 -0.98 2.82
C PRO B 253 12.79 -0.80 4.31
N ARG B 254 13.37 0.33 4.73
CA ARG B 254 13.55 0.57 6.16
C ARG B 254 12.22 0.55 6.91
N VAL B 255 11.23 1.28 6.38
CA VAL B 255 9.94 1.34 7.08
C VAL B 255 9.21 0.01 6.97
N ALA B 256 9.31 -0.65 5.81
CA ALA B 256 8.70 -1.96 5.64
C ALA B 256 9.30 -2.97 6.63
N ALA B 257 10.58 -2.81 6.99
CA ALA B 257 11.24 -3.76 7.89
C ALA B 257 10.64 -3.71 9.28
N ARG B 258 10.07 -2.57 9.68
CA ARG B 258 9.40 -2.47 10.97
C ARG B 258 7.88 -2.50 10.84
N PHE B 259 7.37 -2.97 9.70
CA PHE B 259 5.94 -3.13 9.42
C PHE B 259 5.21 -1.80 9.38
N GLY B 260 5.90 -0.71 9.05
CA GLY B 260 5.23 0.57 8.84
C GLY B 260 4.73 0.71 7.40
N ARG B 261 4.02 1.81 7.17
CA ARG B 261 3.48 2.15 5.86
C ARG B 261 4.27 3.33 5.28
N THR B 262 4.42 3.37 3.95
CA THR B 262 5.01 4.53 3.30
C THR B 262 4.14 5.06 2.16
N ILE B 263 4.26 6.37 1.95
CA ILE B 263 3.84 7.05 0.74
C ILE B 263 5.11 7.63 0.09
N LEU B 264 5.44 7.16 -1.09
CA LEU B 264 6.70 7.52 -1.76
C LEU B 264 6.40 8.13 -3.12
N GLU B 265 6.92 9.34 -3.35
CA GLU B 265 6.88 9.99 -4.66
C GLU B 265 8.29 10.53 -4.86
N LEU B 266 9.11 9.79 -5.61
CA LEU B 266 10.56 9.95 -5.54
C LEU B 266 11.15 10.68 -6.73
N GLY B 267 10.33 11.17 -7.64
CA GLY B 267 10.82 11.86 -8.81
C GLY B 267 10.22 11.30 -10.08
N GLY B 268 10.64 11.90 -11.20
CA GLY B 268 10.02 11.62 -12.48
C GLY B 268 11.01 11.86 -13.59
N ASN B 269 10.74 11.27 -14.73
CA ASN B 269 11.53 11.47 -15.94
C ASN B 269 10.51 11.55 -17.08
N ASN B 270 9.75 12.64 -17.08
CA ASN B 270 8.46 12.69 -17.76
C ASN B 270 8.59 13.08 -19.23
N ALA B 271 7.77 12.44 -20.06
CA ALA B 271 7.83 12.60 -21.50
C ALA B 271 6.50 13.09 -22.06
N ALA B 272 6.55 13.81 -23.17
CA ALA B 272 5.36 14.05 -23.98
C ALA B 272 5.60 13.58 -25.40
N VAL B 273 4.57 12.98 -26.00
CA VAL B 273 4.60 12.52 -27.38
C VAL B 273 3.93 13.58 -28.24
N VAL B 274 4.58 13.93 -29.35
CA VAL B 274 4.06 14.92 -30.31
C VAL B 274 3.77 14.21 -31.61
N THR B 275 2.48 14.07 -31.95
CA THR B 275 2.06 13.32 -33.14
C THR B 275 2.00 14.24 -34.35
N PRO B 276 1.88 13.67 -35.56
CA PRO B 276 1.85 14.53 -36.76
C PRO B 276 0.73 15.56 -36.77
N SER B 277 -0.41 15.29 -36.13
CA SER B 277 -1.53 16.22 -36.14
C SER B 277 -1.52 17.19 -34.96
N ALA B 278 -0.48 17.15 -34.13
CA ALA B 278 -0.39 18.09 -33.00
C ALA B 278 -0.50 19.52 -33.47
N ASP B 279 -1.20 20.34 -32.68
CA ASP B 279 -1.17 21.79 -32.85
C ASP B 279 0.19 22.28 -32.39
N LEU B 280 1.00 22.81 -33.32
CA LEU B 280 2.39 23.09 -32.98
C LEU B 280 2.55 24.32 -32.09
N ASP B 281 1.70 25.34 -32.25
CA ASP B 281 1.74 26.48 -31.32
C ASP B 281 1.40 26.05 -29.89
N LEU B 282 0.33 25.27 -29.73
CA LEU B 282 -0.02 24.72 -28.41
C LEU B 282 1.14 23.90 -27.84
N THR B 283 1.68 22.99 -28.65
CA THR B 283 2.74 22.09 -28.19
C THR B 283 3.98 22.84 -27.74
N VAL B 284 4.42 23.82 -28.55
CA VAL B 284 5.63 24.57 -28.22
C VAL B 284 5.43 25.33 -26.91
N ASN B 285 4.30 26.05 -26.77
CA ASN B 285 4.01 26.72 -25.50
C ASN B 285 3.95 25.72 -24.35
N ALA B 286 3.19 24.62 -24.52
CA ALA B 286 3.09 23.65 -23.43
C ALA B 286 4.46 23.10 -23.05
N ALA B 287 5.31 22.79 -24.05
CA ALA B 287 6.56 22.12 -23.75
C ALA B 287 7.54 23.06 -23.07
N VAL B 288 7.61 24.32 -23.54
CA VAL B 288 8.53 25.28 -22.95
C VAL B 288 8.22 25.47 -21.46
N PHE B 289 6.94 25.64 -21.14
CA PHE B 289 6.59 25.92 -19.75
C PHE B 289 6.82 24.70 -18.85
N ALA B 290 6.55 23.49 -19.37
CA ALA B 290 6.77 22.28 -18.57
C ALA B 290 8.25 21.91 -18.46
N ALA B 291 9.07 22.25 -19.45
CA ALA B 291 10.48 21.91 -19.36
C ALA B 291 11.31 22.97 -18.65
N ALA B 292 11.02 24.25 -18.89
CA ALA B 292 11.80 25.35 -18.32
C ALA B 292 11.26 25.87 -16.99
N GLY B 293 9.98 25.68 -16.72
CA GLY B 293 9.41 26.21 -15.49
C GLY B 293 10.09 25.65 -14.26
N THR B 294 10.21 26.49 -13.23
CA THR B 294 10.88 26.15 -11.98
C THR B 294 12.33 25.75 -12.21
N ALA B 295 12.93 26.24 -13.29
CA ALA B 295 14.27 25.87 -13.71
C ALA B 295 14.42 24.35 -13.78
N GLY B 296 13.40 23.68 -14.31
CA GLY B 296 13.44 22.23 -14.47
C GLY B 296 13.50 21.44 -13.18
N GLN B 297 13.14 22.05 -12.06
CA GLN B 297 13.26 21.42 -10.74
C GLN B 297 11.91 21.00 -10.16
N ARG B 298 11.01 20.50 -11.00
CA ARG B 298 9.77 19.88 -10.55
C ARG B 298 9.89 18.38 -10.70
N CYS B 299 9.25 17.63 -9.80
CA CYS B 299 9.12 16.20 -10.05
C CYS B 299 8.41 15.91 -11.37
N THR B 300 7.49 16.80 -11.78
CA THR B 300 6.72 16.65 -13.01
C THR B 300 7.37 17.33 -14.22
N THR B 301 8.58 17.85 -14.08
CA THR B 301 9.22 18.57 -15.17
C THR B 301 9.28 17.72 -16.44
N LEU B 302 9.03 18.36 -17.58
CA LEU B 302 9.16 17.70 -18.87
C LEU B 302 10.65 17.57 -19.23
N ARG B 303 11.12 16.32 -19.40
CA ARG B 303 12.54 16.04 -19.69
C ARG B 303 12.74 15.32 -21.02
N ARG B 304 11.69 14.76 -21.61
CA ARG B 304 11.82 13.97 -22.82
C ARG B 304 10.69 14.34 -23.77
N LEU B 305 11.03 14.65 -25.02
CA LEU B 305 10.04 14.97 -26.05
C LEU B 305 10.18 13.98 -27.18
N ILE B 306 9.14 13.20 -27.44
CA ILE B 306 9.17 12.09 -28.37
C ILE B 306 8.35 12.52 -29.58
N VAL B 307 9.01 12.97 -30.64
CA VAL B 307 8.40 13.72 -31.74
C VAL B 307 8.34 12.86 -32.99
N HIS B 308 7.22 12.90 -33.70
CA HIS B 308 7.11 12.14 -34.94
C HIS B 308 8.13 12.65 -35.98
N GLU B 309 8.71 11.71 -36.73
CA GLU B 309 9.83 12.09 -37.60
C GLU B 309 9.42 13.09 -38.67
N ASP B 310 8.15 13.12 -39.07
CA ASP B 310 7.75 14.01 -40.16
C ASP B 310 7.67 15.48 -39.74
N ILE B 311 7.55 15.76 -38.44
CA ILE B 311 7.55 17.13 -37.93
C ILE B 311 8.73 17.42 -37.01
N ALA B 312 9.65 16.46 -36.83
CA ALA B 312 10.71 16.64 -35.84
C ALA B 312 11.58 17.86 -36.13
N ASP B 313 11.94 18.10 -37.40
CA ASP B 313 12.82 19.23 -37.70
C ASP B 313 12.16 20.55 -37.35
N THR B 314 10.90 20.74 -37.79
CA THR B 314 10.27 22.02 -37.50
C THR B 314 10.00 22.19 -36.01
N VAL B 315 9.70 21.10 -35.29
CA VAL B 315 9.49 21.21 -33.85
C VAL B 315 10.78 21.64 -33.14
N VAL B 316 11.92 21.08 -33.56
CA VAL B 316 13.19 21.46 -32.93
C VAL B 316 13.55 22.90 -33.25
N GLU B 317 13.26 23.37 -34.48
CA GLU B 317 13.54 24.77 -34.81
C GLU B 317 12.69 25.72 -33.99
N ARG B 318 11.40 25.42 -33.84
CA ARG B 318 10.54 26.28 -33.02
C ARG B 318 10.98 26.27 -31.56
N LEU B 319 11.30 25.09 -31.02
CA LEU B 319 11.76 25.00 -29.64
C LEU B 319 13.10 25.73 -29.45
N THR B 320 14.02 25.57 -30.40
CA THR B 320 15.30 26.29 -30.33
C THR B 320 15.07 27.79 -30.23
N ALA B 321 14.21 28.32 -31.10
CA ALA B 321 13.92 29.76 -31.07
C ALA B 321 13.36 30.18 -29.72
N ALA B 322 12.44 29.38 -29.16
CA ALA B 322 11.83 29.74 -27.89
C ALA B 322 12.83 29.65 -26.74
N PHE B 323 13.66 28.60 -26.69
CA PHE B 323 14.63 28.49 -25.61
C PHE B 323 15.62 29.64 -25.61
N GLU B 324 15.98 30.14 -26.81
CA GLU B 324 16.88 31.28 -26.89
C GLU B 324 16.24 32.56 -26.37
N ARG B 325 14.91 32.65 -26.36
CA ARG B 325 14.18 33.84 -25.91
C ARG B 325 13.76 33.78 -24.46
N LEU B 326 14.02 32.68 -23.75
CA LEU B 326 13.52 32.54 -22.39
C LEU B 326 14.11 33.63 -21.50
N PRO B 327 13.29 34.39 -20.77
CA PRO B 327 13.83 35.41 -19.85
C PRO B 327 14.31 34.78 -18.54
N ILE B 328 15.60 34.92 -18.27
CA ILE B 328 16.25 34.36 -17.09
C ILE B 328 16.64 35.52 -16.18
N GLY B 329 16.37 35.40 -14.88
CA GLY B 329 16.73 36.49 -14.00
C GLY B 329 16.21 36.32 -12.58
N ASP B 330 16.24 37.44 -11.85
CA ASP B 330 15.80 37.49 -10.45
C ASP B 330 14.37 36.99 -10.33
N PRO B 331 14.09 35.99 -9.48
CA PRO B 331 12.72 35.49 -9.37
C PRO B 331 11.75 36.47 -8.71
N PHE B 332 12.24 37.56 -8.11
CA PHE B 332 11.29 38.59 -7.64
C PHE B 332 10.86 39.54 -8.74
N GLN B 333 11.41 39.44 -9.95
CA GLN B 333 10.99 40.29 -11.06
C GLN B 333 9.94 39.56 -11.89
N ASP B 334 8.80 40.22 -12.11
CA ASP B 334 7.71 39.58 -12.84
C ASP B 334 8.06 39.25 -14.27
N THR B 335 9.05 39.93 -14.85
CA THR B 335 9.48 39.56 -16.20
C THR B 335 10.20 38.22 -16.25
N THR B 336 10.74 37.75 -15.13
CA THR B 336 11.48 36.50 -15.13
C THR B 336 10.57 35.30 -15.34
N LEU B 337 10.97 34.40 -16.25
CA LEU B 337 10.37 33.07 -16.32
C LEU B 337 11.22 32.00 -15.67
N VAL B 338 12.54 32.05 -15.80
CA VAL B 338 13.45 31.03 -15.25
C VAL B 338 14.29 31.69 -14.15
N GLY B 339 14.11 31.24 -12.90
CA GLY B 339 14.99 31.64 -11.81
C GLY B 339 16.24 30.76 -11.74
N PRO B 340 17.00 30.87 -10.65
CA PRO B 340 18.26 30.12 -10.52
C PRO B 340 18.06 28.66 -10.12
N LEU B 341 19.10 27.85 -10.36
CA LEU B 341 19.15 26.51 -9.80
C LEU B 341 19.46 26.61 -8.30
N VAL B 342 19.24 25.51 -7.57
CA VAL B 342 19.23 25.63 -6.12
C VAL B 342 20.63 25.86 -5.56
N ASN B 343 21.66 25.25 -6.18
CA ASN B 343 23.01 25.41 -5.64
C ASN B 343 24.03 24.98 -6.70
N GLU B 344 25.32 25.05 -6.34
CA GLU B 344 26.38 24.75 -7.30
C GLU B 344 26.34 23.29 -7.75
N ALA B 345 26.11 22.37 -6.82
CA ALA B 345 26.03 20.95 -7.18
C ALA B 345 24.98 20.72 -8.27
N ALA B 346 23.82 21.39 -8.17
CA ALA B 346 22.79 21.26 -9.20
C ALA B 346 23.31 21.72 -10.56
N PHE B 347 24.06 22.82 -10.59
CA PHE B 347 24.64 23.27 -11.84
C PHE B 347 25.67 22.27 -12.36
N GLY B 348 26.53 21.74 -11.46
CA GLY B 348 27.51 20.76 -11.89
C GLY B 348 26.89 19.51 -12.47
N ARG B 349 25.85 18.99 -11.82
CA ARG B 349 25.20 17.80 -12.35
C ARG B 349 24.56 18.07 -13.71
N MET B 350 24.01 19.29 -13.91
CA MET B 350 23.46 19.64 -15.23
C MET B 350 24.54 19.63 -16.31
N ARG B 351 25.66 20.30 -16.05
CA ARG B 351 26.72 20.35 -17.04
C ARG B 351 27.23 18.96 -17.37
N GLU B 352 27.31 18.09 -16.36
CA GLU B 352 27.80 16.73 -16.58
C GLU B 352 26.84 15.93 -17.44
N ALA B 353 25.52 16.13 -17.25
CA ALA B 353 24.57 15.42 -18.08
C ALA B 353 24.65 15.88 -19.53
N VAL B 354 24.79 17.20 -19.75
CA VAL B 354 24.88 17.68 -21.12
C VAL B 354 26.16 17.20 -21.78
N GLU B 355 27.27 17.17 -21.03
CA GLU B 355 28.51 16.64 -21.57
C GLU B 355 28.39 15.17 -21.93
N ARG B 356 27.72 14.37 -21.07
CA ARG B 356 27.49 12.97 -21.41
C ARG B 356 26.60 12.83 -22.64
N ALA B 357 25.55 13.65 -22.73
CA ALA B 357 24.62 13.54 -23.86
C ALA B 357 25.36 13.73 -25.18
N THR B 358 26.21 14.74 -25.27
CA THR B 358 26.95 14.95 -26.52
C THR B 358 27.97 13.83 -26.77
N ALA B 359 28.57 13.26 -25.72
CA ALA B 359 29.42 12.08 -25.92
C ALA B 359 28.63 10.85 -26.33
N GLU B 360 27.34 10.78 -26.02
CA GLU B 360 26.51 9.66 -26.45
C GLU B 360 25.83 9.92 -27.80
N GLY B 361 26.30 10.89 -28.56
CA GLY B 361 25.82 11.14 -29.90
C GLY B 361 24.82 12.27 -30.07
N GLY B 362 24.49 13.00 -28.99
CA GLY B 362 23.49 14.05 -29.08
C GLY B 362 24.05 15.40 -29.54
N THR B 363 23.14 16.29 -29.93
CA THR B 363 23.48 17.62 -30.41
C THR B 363 22.82 18.65 -29.52
N LEU B 364 23.63 19.52 -28.91
CA LEU B 364 23.10 20.63 -28.11
C LEU B 364 22.56 21.70 -29.06
N CYS B 365 21.24 21.84 -29.11
CA CYS B 365 20.57 22.80 -29.98
C CYS B 365 20.45 24.19 -29.39
N ALA B 366 20.33 24.31 -28.08
CA ALA B 366 20.14 25.62 -27.45
C ALA B 366 20.41 25.50 -25.95
N GLY B 367 20.85 26.60 -25.36
CA GLY B 367 20.91 26.73 -23.91
C GLY B 367 22.12 26.04 -23.27
N GLY B 368 22.01 25.85 -21.97
CA GLY B 368 23.04 25.22 -21.20
C GLY B 368 24.07 26.16 -20.63
N GLU B 369 24.14 27.41 -21.11
CA GLU B 369 25.17 28.32 -20.63
C GLU B 369 24.74 29.02 -19.35
N ARG B 370 25.72 29.29 -18.49
CA ARG B 370 25.45 30.07 -17.30
C ARG B 370 25.28 31.54 -17.66
N GLN B 371 24.34 32.21 -16.99
CA GLN B 371 23.98 33.59 -17.28
C GLN B 371 24.55 34.51 -16.20
N PHE B 372 24.99 35.71 -16.64
CA PHE B 372 25.54 36.79 -15.80
C PHE B 372 26.19 36.30 -14.51
N PRO B 373 27.25 35.50 -14.61
CA PRO B 373 27.89 34.99 -13.39
C PRO B 373 28.48 36.09 -12.51
N ASP B 374 29.00 37.17 -13.10
CA ASP B 374 29.55 38.25 -12.27
C ASP B 374 28.47 38.98 -11.49
N ALA B 375 27.23 38.96 -11.97
CA ALA B 375 26.15 39.65 -11.26
C ALA B 375 25.85 39.04 -9.90
N ALA B 376 26.21 37.78 -9.68
CA ALA B 376 26.03 37.03 -8.44
C ALA B 376 26.84 35.75 -8.56
N PRO B 377 28.13 35.80 -8.21
CA PRO B 377 29.02 34.63 -8.45
C PRO B 377 28.67 33.40 -7.62
N GLY B 378 27.92 33.55 -6.54
CA GLY B 378 27.49 32.41 -5.76
C GLY B 378 26.19 31.77 -6.23
N ALA B 379 25.51 32.37 -7.20
CA ALA B 379 24.23 31.87 -7.70
C ALA B 379 24.38 31.32 -9.12
N TYR B 380 23.52 30.38 -9.47
CA TYR B 380 23.63 29.65 -10.74
C TYR B 380 22.34 29.81 -11.54
N TYR B 381 22.31 30.88 -12.35
CA TYR B 381 21.26 31.12 -13.35
C TYR B 381 21.72 30.51 -14.67
N VAL B 382 20.94 29.59 -15.23
CA VAL B 382 21.32 28.87 -16.43
C VAL B 382 20.17 28.88 -17.43
N ARG B 383 20.51 28.97 -18.72
CA ARG B 383 19.48 28.82 -19.75
C ARG B 383 19.14 27.34 -19.92
N PRO B 384 17.86 26.96 -19.86
CA PRO B 384 17.49 25.56 -20.10
C PRO B 384 18.07 25.05 -21.41
N ALA B 385 18.47 23.77 -21.41
CA ALA B 385 19.14 23.13 -22.53
C ALA B 385 18.18 22.26 -23.32
N LEU B 386 18.36 22.26 -24.63
CA LEU B 386 17.60 21.45 -25.58
C LEU B 386 18.59 20.59 -26.34
N VAL B 387 18.45 19.27 -26.23
CA VAL B 387 19.42 18.33 -26.79
C VAL B 387 18.68 17.34 -27.69
N ARG B 388 19.04 17.31 -28.97
CA ARG B 388 18.49 16.29 -29.85
C ARG B 388 19.33 15.01 -29.73
N MET B 389 18.65 13.86 -29.55
CA MET B 389 19.31 12.60 -29.27
C MET B 389 19.00 11.54 -30.33
N PRO B 390 19.99 10.72 -30.69
CA PRO B 390 19.74 9.68 -31.71
C PRO B 390 19.03 8.46 -31.17
N ALA B 391 18.98 8.29 -29.85
CA ALA B 391 18.27 7.17 -29.23
C ALA B 391 18.10 7.51 -27.76
N GLN B 392 17.30 6.71 -27.07
CA GLN B 392 17.11 6.91 -25.64
C GLN B 392 18.28 6.27 -24.90
N THR B 393 19.40 6.99 -24.87
CA THR B 393 20.62 6.44 -24.28
C THR B 393 20.59 6.55 -22.76
N ALA B 394 21.70 6.12 -22.13
CA ALA B 394 21.79 6.07 -20.67
C ALA B 394 21.43 7.41 -20.02
N VAL B 395 21.96 8.51 -20.56
CA VAL B 395 21.75 9.78 -19.89
C VAL B 395 20.30 10.21 -20.01
N VAL B 396 19.61 9.75 -21.05
CA VAL B 396 18.21 10.12 -21.22
C VAL B 396 17.35 9.38 -20.22
N ARG B 397 17.68 8.11 -19.95
CA ARG B 397 16.88 7.27 -19.07
C ARG B 397 17.01 7.64 -17.59
N GLU B 398 18.05 8.34 -17.19
CA GLU B 398 18.20 8.71 -15.79
C GLU B 398 18.04 10.20 -15.63
N GLU B 399 17.09 10.62 -14.80
CA GLU B 399 16.75 12.03 -14.68
C GLU B 399 17.88 12.81 -14.02
N THR B 400 18.18 13.96 -14.59
CA THR B 400 18.97 15.00 -13.93
C THR B 400 18.00 16.10 -13.51
N PHE B 401 18.15 16.57 -12.26
CA PHE B 401 17.21 17.55 -11.71
C PHE B 401 17.64 18.94 -12.17
N ALA B 402 17.38 19.20 -13.43
CA ALA B 402 17.87 20.40 -14.12
C ALA B 402 17.07 20.57 -15.40
N PRO B 403 17.03 21.78 -15.95
CA PRO B 403 16.28 21.96 -17.20
C PRO B 403 17.07 21.46 -18.41
N ILE B 404 16.86 20.19 -18.77
CA ILE B 404 17.40 19.60 -19.99
C ILE B 404 16.24 18.90 -20.66
N LEU B 405 15.99 19.25 -21.92
CA LEU B 405 14.91 18.62 -22.68
C LEU B 405 15.53 17.83 -23.83
N TYR B 406 15.45 16.50 -23.75
CA TYR B 406 15.96 15.61 -24.80
C TYR B 406 14.88 15.37 -25.83
N VAL B 407 15.23 15.47 -27.11
CA VAL B 407 14.29 15.25 -28.22
C VAL B 407 14.64 13.95 -28.93
N LEU B 408 13.66 13.04 -29.00
CA LEU B 408 13.74 11.74 -29.66
C LEU B 408 12.69 11.68 -30.76
N THR B 409 12.92 10.87 -31.79
CA THR B 409 11.93 10.74 -32.85
C THR B 409 11.35 9.34 -32.92
N TYR B 410 10.17 9.24 -33.52
CA TYR B 410 9.52 7.95 -33.71
C TYR B 410 8.73 7.98 -35.01
N ARG B 411 8.22 6.83 -35.41
CA ARG B 411 7.29 6.77 -36.53
C ARG B 411 5.97 6.13 -36.14
N ASP B 412 5.97 4.98 -35.48
CA ASP B 412 4.75 4.29 -35.09
C ASP B 412 4.38 4.62 -33.64
N LEU B 413 3.10 4.88 -33.39
CA LEU B 413 2.68 5.29 -32.06
C LEU B 413 3.04 4.25 -30.99
N ASP B 414 2.95 2.97 -31.31
CA ASP B 414 3.28 1.96 -30.30
C ASP B 414 4.75 2.06 -29.87
N GLU B 415 5.62 2.50 -30.77
CA GLU B 415 7.01 2.70 -30.39
C GLU B 415 7.19 3.97 -29.57
N ALA B 416 6.45 5.03 -29.88
CA ALA B 416 6.46 6.20 -28.99
C ALA B 416 6.02 5.83 -27.59
N ILE B 417 5.02 4.96 -27.48
CA ILE B 417 4.57 4.49 -26.18
C ILE B 417 5.66 3.67 -25.49
N ARG B 418 6.33 2.79 -26.24
CA ARG B 418 7.41 2.00 -25.63
C ARG B 418 8.52 2.91 -25.13
N LEU B 419 8.90 3.92 -25.92
CA LEU B 419 9.91 4.87 -25.47
C LEU B 419 9.47 5.59 -24.20
N ASN B 420 8.19 5.97 -24.12
CA ASN B 420 7.72 6.63 -22.91
C ASN B 420 7.90 5.72 -21.70
N ASN B 421 7.55 4.44 -21.86
CA ASN B 421 7.47 3.49 -20.75
C ASN B 421 8.81 2.88 -20.37
N GLU B 422 9.83 3.03 -21.21
CA GLU B 422 11.08 2.29 -21.06
C GLU B 422 11.91 2.74 -19.85
N VAL B 423 11.70 3.95 -19.32
CA VAL B 423 12.57 4.46 -18.26
C VAL B 423 12.18 3.91 -16.89
N PRO B 424 13.07 3.97 -15.88
CA PRO B 424 12.72 3.41 -14.56
C PRO B 424 11.67 4.22 -13.81
N GLN B 425 11.51 5.51 -14.11
CA GLN B 425 10.55 6.38 -13.44
C GLN B 425 9.17 6.27 -14.10
N GLY B 426 8.14 6.77 -13.42
CA GLY B 426 6.79 6.61 -13.96
C GLY B 426 5.76 7.61 -13.46
N LEU B 427 6.16 8.88 -13.36
CA LEU B 427 5.26 9.87 -12.75
C LEU B 427 4.19 10.32 -13.75
N SER B 428 4.58 11.08 -14.79
CA SER B 428 3.58 11.67 -15.68
C SER B 428 3.99 11.57 -17.14
N ALA B 429 2.99 11.69 -18.02
CA ALA B 429 3.19 11.65 -19.46
C ALA B 429 2.07 12.44 -20.13
N GLY B 430 2.33 12.95 -21.35
CA GLY B 430 1.31 13.63 -22.13
C GLY B 430 1.43 13.31 -23.61
N ILE B 431 0.32 13.48 -24.33
CA ILE B 431 0.32 13.32 -25.78
C ILE B 431 -0.37 14.52 -26.43
N PHE B 432 0.27 15.08 -27.44
CA PHE B 432 -0.27 16.20 -28.20
C PHE B 432 -0.71 15.68 -29.55
N THR B 433 -2.02 15.79 -29.83
CA THR B 433 -2.60 15.17 -31.02
C THR B 433 -3.98 15.79 -31.25
N ALA B 434 -4.37 15.85 -32.52
CA ALA B 434 -5.76 16.11 -32.86
C ALA B 434 -6.53 14.82 -33.14
N ASP B 435 -5.88 13.66 -33.05
CA ASP B 435 -6.48 12.41 -33.49
C ASP B 435 -7.15 11.68 -32.33
N GLN B 436 -8.47 11.46 -32.44
CA GLN B 436 -9.26 10.85 -31.37
C GLN B 436 -8.71 9.48 -30.97
N SER B 437 -8.35 8.64 -31.94
CA SER B 437 -7.87 7.30 -31.61
C SER B 437 -6.48 7.34 -30.99
N GLU B 438 -5.60 8.22 -31.46
CA GLU B 438 -4.27 8.30 -30.84
C GLU B 438 -4.37 8.72 -29.38
N ALA B 439 -5.25 9.67 -29.07
CA ALA B 439 -5.43 10.10 -27.69
C ALA B 439 -5.87 8.93 -26.80
N GLU B 440 -6.83 8.14 -27.27
CA GLU B 440 -7.35 7.03 -26.47
C GLU B 440 -6.30 5.92 -26.33
N ARG B 441 -5.60 5.60 -27.41
CA ARG B 441 -4.55 4.59 -27.33
C ARG B 441 -3.49 4.96 -26.29
N PHE B 442 -3.13 6.24 -26.19
CA PHE B 442 -2.13 6.66 -25.21
C PHE B 442 -2.60 6.43 -23.78
N LEU B 443 -3.91 6.54 -23.53
CA LEU B 443 -4.46 6.38 -22.19
C LEU B 443 -4.91 4.95 -21.89
N ALA B 444 -4.91 4.07 -22.88
CA ALA B 444 -5.39 2.68 -22.77
C ALA B 444 -4.50 1.85 -21.87
N PRO B 445 -4.98 0.66 -21.45
CA PRO B 445 -4.15 -0.19 -20.57
C PRO B 445 -2.80 -0.54 -21.15
N ASP B 446 -2.68 -0.64 -22.47
CA ASP B 446 -1.39 -0.87 -23.11
C ASP B 446 -0.73 0.43 -23.61
N GLY B 447 -1.19 1.59 -23.13
CA GLY B 447 -0.55 2.84 -23.48
C GLY B 447 0.51 3.30 -22.49
N ALA B 448 0.56 4.60 -22.21
CA ALA B 448 1.55 5.10 -21.26
C ALA B 448 1.29 4.53 -19.88
N ASP B 449 2.36 4.13 -19.20
CA ASP B 449 2.31 3.36 -17.96
C ASP B 449 2.38 4.23 -16.69
N CYS B 450 2.27 5.55 -16.81
CA CYS B 450 2.56 6.45 -15.71
C CYS B 450 1.35 6.65 -14.81
N GLY B 451 1.61 7.19 -13.61
CA GLY B 451 0.52 7.51 -12.70
C GLY B 451 -0.37 8.64 -13.20
N ILE B 452 0.18 9.51 -14.04
CA ILE B 452 -0.55 10.63 -14.66
C ILE B 452 -0.33 10.53 -16.17
N ALA B 453 -1.41 10.49 -16.94
CA ALA B 453 -1.30 10.47 -18.40
C ALA B 453 -2.37 11.39 -18.99
N ASN B 454 -1.93 12.40 -19.77
CA ASN B 454 -2.76 13.52 -20.18
C ASN B 454 -2.83 13.65 -21.70
N VAL B 455 -3.80 14.41 -22.18
CA VAL B 455 -3.98 14.67 -23.61
C VAL B 455 -3.98 16.17 -23.84
N ASN B 456 -3.07 16.65 -24.69
CA ASN B 456 -2.97 18.07 -25.08
C ASN B 456 -2.74 19.01 -23.90
N ILE B 457 -2.09 18.50 -22.85
CA ILE B 457 -1.56 19.32 -21.77
C ILE B 457 -0.30 18.63 -21.25
N GLY B 458 0.61 19.40 -20.69
CA GLY B 458 1.94 18.90 -20.37
C GLY B 458 2.03 18.05 -19.10
N THR B 459 3.26 17.64 -18.81
CA THR B 459 3.52 16.69 -17.72
C THR B 459 3.27 17.26 -16.33
N SER B 460 3.08 18.57 -16.19
CA SER B 460 2.70 19.17 -14.92
C SER B 460 1.20 19.33 -14.77
N GLY B 461 0.41 18.85 -15.72
CA GLY B 461 -1.04 18.94 -15.63
C GLY B 461 -1.63 18.06 -14.55
N ALA B 462 -1.86 18.63 -13.37
CA ALA B 462 -2.47 17.96 -12.22
C ALA B 462 -3.10 19.02 -11.33
N GLU B 463 -3.99 18.58 -10.44
CA GLU B 463 -4.71 19.51 -9.57
C GLU B 463 -5.14 18.81 -8.29
N ILE B 464 -5.63 19.61 -7.34
CA ILE B 464 -5.93 19.14 -5.97
C ILE B 464 -6.86 17.94 -5.98
N GLY B 465 -7.88 17.95 -6.84
CA GLY B 465 -8.88 16.89 -6.81
C GLY B 465 -8.42 15.55 -7.35
N GLY B 466 -7.28 15.50 -8.02
CA GLY B 466 -6.73 14.23 -8.49
C GLY B 466 -5.73 13.62 -7.51
N ALA B 467 -5.70 12.29 -7.45
CA ALA B 467 -4.62 11.63 -6.74
C ALA B 467 -3.30 11.92 -7.45
N PHE B 468 -2.26 12.26 -6.69
CA PHE B 468 -0.97 12.67 -7.26
C PHE B 468 0.10 11.64 -6.90
N GLY B 469 0.78 11.10 -7.90
CA GLY B 469 1.85 10.16 -7.66
C GLY B 469 2.11 9.32 -8.90
N GLY B 470 3.10 8.43 -8.79
CA GLY B 470 3.55 7.66 -9.95
C GLY B 470 3.91 6.22 -9.64
N GLU B 471 4.36 5.53 -10.69
CA GLU B 471 4.61 4.09 -10.67
C GLU B 471 6.10 3.80 -10.79
N LYS B 472 6.44 2.51 -10.69
CA LYS B 472 7.80 2.02 -10.93
C LYS B 472 8.74 2.63 -9.88
N GLU B 473 9.89 3.18 -10.25
CA GLU B 473 10.78 3.72 -9.24
C GLU B 473 10.33 5.08 -8.73
N THR B 474 9.20 5.62 -9.22
CA THR B 474 8.64 6.82 -8.58
C THR B 474 8.10 6.51 -7.18
N GLY B 475 7.70 5.26 -6.93
CA GLY B 475 7.47 4.77 -5.57
C GLY B 475 6.07 4.27 -5.27
N GLY B 476 5.07 4.57 -6.10
CA GLY B 476 3.75 4.00 -5.96
C GLY B 476 2.78 4.78 -5.09
N GLY B 477 3.26 5.74 -4.29
CA GLY B 477 2.36 6.46 -3.40
C GLY B 477 1.40 7.38 -4.14
N ARG B 478 0.33 7.79 -3.44
CA ARG B 478 -0.59 8.80 -3.95
C ARG B 478 -0.91 9.80 -2.85
N GLU B 479 -0.93 11.09 -3.21
CA GLU B 479 -1.24 12.17 -2.28
C GLU B 479 -2.32 13.08 -2.85
N SER B 480 -2.85 13.94 -1.97
CA SER B 480 -3.81 15.01 -2.29
C SER B 480 -5.22 14.48 -2.52
N GLY B 481 -5.62 14.29 -3.79
CA GLY B 481 -7.02 14.17 -4.16
C GLY B 481 -7.52 12.73 -4.25
N SER B 482 -8.72 12.61 -4.84
CA SER B 482 -9.56 11.37 -4.89
C SER B 482 -9.62 10.80 -3.48
N ASP B 483 -9.40 9.50 -3.28
CA ASP B 483 -9.38 8.89 -1.95
C ASP B 483 -7.95 8.54 -1.49
N ALA B 484 -7.00 9.41 -1.79
CA ALA B 484 -5.65 9.27 -1.22
C ALA B 484 -5.65 9.32 0.31
N TRP B 485 -6.67 9.95 0.93
CA TRP B 485 -6.80 9.99 2.38
C TRP B 485 -6.75 8.60 3.04
N ARG B 486 -7.11 7.55 2.32
CA ARG B 486 -7.16 6.21 2.91
C ARG B 486 -5.78 5.75 3.40
N ALA B 487 -4.71 6.23 2.80
CA ALA B 487 -3.38 5.87 3.26
C ALA B 487 -3.06 6.42 4.64
N TYR B 488 -3.85 7.38 5.14
CA TYR B 488 -3.65 7.99 6.43
C TYR B 488 -4.53 7.37 7.53
N MET B 489 -5.27 6.31 7.22
CA MET B 489 -6.17 5.70 8.18
C MET B 489 -6.05 4.19 8.09
N ARG B 490 -6.66 3.49 9.03
CA ARG B 490 -6.68 2.02 8.98
C ARG B 490 -8.11 1.52 8.83
N ARG B 491 -8.26 0.56 7.92
CA ARG B 491 -9.54 -0.06 7.63
C ARG B 491 -9.86 -1.10 8.70
N ALA B 492 -11.13 -1.17 9.08
CA ALA B 492 -11.61 -2.25 9.93
C ALA B 492 -12.84 -2.87 9.27
N THR B 493 -12.88 -4.19 9.26
CA THR B 493 -14.06 -4.95 8.79
C THR B 493 -14.79 -5.45 10.03
N ASN B 494 -16.06 -5.06 10.20
CA ASN B 494 -16.82 -5.32 11.42
C ASN B 494 -18.06 -6.14 11.08
N THR B 495 -18.18 -7.32 11.70
CA THR B 495 -19.42 -8.10 11.60
C THR B 495 -20.09 -8.13 12.97
N VAL B 496 -21.40 -7.92 12.98
CA VAL B 496 -22.16 -7.81 14.22
C VAL B 496 -23.26 -8.86 14.18
N ASN B 497 -23.30 -9.73 15.18
CA ASN B 497 -24.31 -10.78 15.32
C ASN B 497 -25.35 -10.30 16.32
N TYR B 498 -26.61 -10.17 15.89
CA TYR B 498 -27.70 -9.85 16.80
C TYR B 498 -28.76 -10.95 16.83
N SER B 499 -28.43 -12.14 16.34
CA SER B 499 -29.38 -13.22 16.16
C SER B 499 -29.51 -14.14 17.38
N GLY B 500 -28.57 -14.06 18.32
CA GLY B 500 -28.58 -14.95 19.46
C GLY B 500 -28.14 -16.36 19.20
N ARG B 501 -27.58 -16.67 18.03
CA ARG B 501 -27.10 -18.00 17.73
C ARG B 501 -25.76 -17.90 17.00
N VAL B 502 -25.00 -18.98 17.03
CA VAL B 502 -23.75 -19.08 16.28
C VAL B 502 -24.09 -19.64 14.89
N THR B 503 -23.85 -18.83 13.86
CA THR B 503 -23.96 -19.27 12.47
C THR B 503 -22.60 -19.10 11.81
N LEU B 504 -22.05 -20.18 11.27
CA LEU B 504 -20.72 -20.15 10.67
C LEU B 504 -20.81 -19.93 9.16
N ALA B 505 -19.87 -19.15 8.62
CA ALA B 505 -19.82 -18.89 7.20
C ALA B 505 -19.51 -20.17 6.42
N GLN B 506 -19.85 -20.14 5.12
CA GLN B 506 -19.55 -21.21 4.15
C GLN B 506 -20.16 -22.55 4.52
N GLY B 507 -21.19 -22.58 5.38
CA GLY B 507 -21.82 -23.83 5.75
C GLY B 507 -20.99 -24.73 6.60
N VAL B 508 -19.98 -24.21 7.30
CA VAL B 508 -19.17 -25.02 8.19
C VAL B 508 -20.02 -25.42 9.39
N ASP B 509 -19.82 -26.65 9.86
CA ASP B 509 -20.57 -27.20 10.97
C ASP B 509 -19.59 -27.77 11.99
N PHE B 510 -19.59 -27.20 13.20
CA PHE B 510 -18.70 -27.64 14.26
C PHE B 510 -19.48 -28.26 15.43
N SER B 511 -20.65 -28.82 15.14
CA SER B 511 -21.48 -29.49 16.14
C SER B 511 -21.10 -30.96 16.25
N GLN B 512 -21.40 -31.54 17.42
CA GLN B 512 -21.05 -32.93 17.69
C GLN B 512 -22.26 -33.70 18.22
C1' UN1 C . -5.60 -17.85 7.41
O1' UN1 C . -5.72 -18.33 8.58
O2' UN1 C . -4.46 -17.74 6.90
O UN1 C . -11.38 -16.07 8.35
C1 UN1 C . -6.83 -17.39 6.63
C UN1 C . -10.97 -17.27 8.35
CA UN1 C . -10.69 -18.00 7.03
C5 UN1 C . -9.34 -17.58 6.43
C6 UN1 C . -8.15 -17.61 7.39
N UN1 C . -11.75 -17.68 6.08
OXT UN1 C . -10.81 -17.90 9.44
S SO4 D . -16.50 0.13 32.61
O1 SO4 D . -17.42 -0.02 33.73
O2 SO4 D . -17.00 1.15 31.70
O3 SO4 D . -16.42 -1.16 31.92
O4 SO4 D . -15.16 0.49 33.07
S SO4 E . 6.83 -10.47 30.79
O1 SO4 E . 5.49 -9.92 30.59
O2 SO4 E . 6.75 -11.92 30.95
O3 SO4 E . 7.40 -9.88 31.99
O4 SO4 E . 7.66 -10.18 29.62
S SO4 F . -7.04 -36.42 27.49
O1 SO4 F . -7.75 -36.11 28.74
O2 SO4 F . -7.97 -37.08 26.58
O3 SO4 F . -5.91 -37.29 27.77
O4 SO4 F . -6.54 -35.17 26.90
S SO4 G . -13.36 -42.80 -10.63
O1 SO4 G . -13.80 -42.82 -12.02
O2 SO4 G . -14.53 -42.70 -9.75
O3 SO4 G . -12.48 -41.66 -10.41
O4 SO4 G . -12.64 -44.04 -10.33
S SO4 H . -3.92 32.14 -19.28
O1 SO4 H . -4.73 30.92 -19.33
O2 SO4 H . -4.81 33.27 -19.49
O3 SO4 H . -3.30 32.26 -17.98
O4 SO4 H . -2.90 32.11 -20.34
C1 GOL I . 8.42 -32.60 10.34
O1 GOL I . 8.35 -31.87 11.58
C2 GOL I . 7.90 -34.05 10.33
O2 GOL I . 6.96 -34.42 11.31
C3 GOL I . 7.40 -34.44 8.94
O3 GOL I . 6.47 -35.50 9.03
C1 GOL J . -0.22 0.08 12.78
O1 GOL J . -0.20 -0.77 11.66
C2 GOL J . -1.55 0.85 12.77
O2 GOL J . -2.63 0.00 12.44
C3 GOL J . -1.78 1.57 14.09
O3 GOL J . -2.88 2.46 13.98
S SO4 K . 0.55 4.02 -36.19
O1 SO4 K . 0.91 5.26 -35.50
O2 SO4 K . -0.69 3.46 -35.65
O3 SO4 K . 1.63 3.06 -36.04
O4 SO4 K . 0.38 4.30 -37.59
S SO4 L . 23.20 3.17 -23.93
O1 SO4 L . 21.77 3.25 -24.26
O2 SO4 L . 23.34 2.34 -22.73
O3 SO4 L . 23.77 4.47 -23.64
O4 SO4 L . 23.88 2.58 -25.08
S SO4 M . 23.06 32.72 -23.81
O1 SO4 M . 22.14 33.86 -23.85
O2 SO4 M . 22.43 31.60 -23.13
O3 SO4 M . 24.26 33.12 -23.07
O4 SO4 M . 23.41 32.32 -25.17
S SO4 N . -22.00 -25.13 14.56
O1 SO4 N . -22.63 -26.44 14.71
O2 SO4 N . -22.76 -24.11 15.29
O3 SO4 N . -21.95 -24.79 13.14
O4 SO4 N . -20.64 -25.17 15.10
S SO4 O . -6.25 -1.10 3.16
O1 SO4 O . -6.68 -1.30 1.79
O2 SO4 O . -7.32 -1.45 4.08
O3 SO4 O . -5.92 0.31 3.35
O4 SO4 O . -5.06 -1.90 3.41
C1 GOL P . 26.24 24.23 -2.45
O1 GOL P . 26.46 23.44 -3.64
C2 GOL P . 26.46 25.74 -2.59
O2 GOL P . 26.18 26.29 -3.86
C3 GOL P . 25.66 26.48 -1.53
O3 GOL P . 25.64 27.87 -1.80
C1 GOL Q . 5.07 -1.06 -11.30
O1 GOL Q . 5.06 -0.05 -10.32
C2 GOL Q . 3.67 -1.17 -11.92
O2 GOL Q . 3.17 0.12 -12.23
C3 GOL Q . 3.72 -2.05 -13.16
O3 GOL Q . 2.46 -2.06 -13.80
C1 GOL R . -0.21 18.85 -8.45
O1 GOL R . -0.12 20.20 -8.84
C2 GOL R . -1.27 18.64 -7.38
O2 GOL R . -2.30 19.60 -7.48
C3 GOL R . -1.90 17.27 -7.64
O3 GOL R . -2.47 16.83 -6.44
C ACT S . 16.66 10.64 -35.35
O ACT S . 16.24 10.89 -36.50
OXT ACT S . 17.30 11.56 -34.80
CH3 ACT S . 16.41 9.32 -34.69
#